data_7YAC
#
_entry.id   7YAC
#
_cell.length_a   1.00
_cell.length_b   1.00
_cell.length_c   1.00
_cell.angle_alpha   90.00
_cell.angle_beta   90.00
_cell.angle_gamma   90.00
#
_symmetry.space_group_name_H-M   'P 1'
#
loop_
_entity.id
_entity.type
_entity.pdbx_description
1 polymer 'Guanine nucleotide-binding protein G(i) subunit alpha-1'
2 polymer 'Guanine nucleotide-binding protein G(I)/G(S)/G(T) subunit beta-1'
3 polymer 'Guanine nucleotide-binding protein G(I)/G(S)/G(O) subunit gamma-2'
4 polymer 'Somatostatin receptor type 2'
5 polymer scFv16
6 non-polymer Paltusotine
#
loop_
_entity_poly.entity_id
_entity_poly.type
_entity_poly.pdbx_seq_one_letter_code
_entity_poly.pdbx_strand_id
1 'polypeptide(L)'
;MGCTLSAEDKAAVERSKMIDRNLREDGEKAAREVKLLLLGAGESGKNTIVKQMKIIHEAGYSEEECKQYKAVVYSNTIQS
IIAIIRAMGRLKIDFGDSARADDARQLFVLAGAAEEGFMTAELAGVIKRLWKDSGVQACFNRSREYQLNDSAAYYLNDLD
RIAQPNYIPTQQDVLRTRVKTTGIVETHFTFKDLHFKMFDVGAQRSERKKWIHCFEGVTAIIFCVALSDYDLVLAEDEEM
NRMHASMKLFDSICNNKWFTDTSIILFLNKKDLFEEKIKKSPLTICYPEYAGSNTYEEAAAYIQCQFEDLNKRKDTKEIY
THFTCSTDTKNVQFVFDAVTDVIIKNNLKDCGLF
;
A
2 'polypeptide(L)'
;MHHHHHHGSSGSELDQLRQEAEQLKNQIRDARKACADATLSQITNNIDPVGRIQMRTRRTLRGHLAKIYAMHWGTDSRLL
VSASQDGKLIIWDSYTTNKVHAIPLRSSWVMTCAYAPSGNYVACGGLDNICSIYNLKTREGNVRVSRELAGHTGYLSCCR
FLDDNQIVTSSGDTTCALWDIETGQQTTTFTGHTGDVMSLSLAPDTRLFVSGACDASAKLWDVREGMCRQTFTGHESDIN
AICFFPNGNAFATGSDDATCRLFDLRADQELMTYSHDNIICGITSVSFSKSGRLLLAGYDDFNCNVWDALKADRAGVLAG
HDNRVSCLGVTDDGMAVATGSWDSFLKIWN
;
B
3 'polypeptide(L)' MASNNTASIAQARKLVEQLKMEANIDRIKVSKAAADLMAYCEAHAKEDPLLTPVPASENPFREKKFFCAIL C
4 'polypeptide(L)'
;MKTIIALSYIFCLVFADYKDDDDASNQTEPYYDLTSNAVLTFIYFVVCIIGLCGNTLVIYVILRYAKMKTITNIYILNLA
IADELFMLGLPFLAMQVALVHWPFGKAICRVVMTVDGINQFTSIFCLTVMSIDRYLAVVHPIKSAKWRRPRTAKMITMAV
WGVSLLVILPIMIYAGLRSNQWGRSSCTINWPGESGAWYTGFIIYTFILGFLVPLTIICLCYLFIIIKVKSSGIRVGSSK
RKKSEKKVTRMVSIVVAVFIFCWLPFYIFNVSSVSMAISPTPALKGMFDFVVVLTYANSCANPILYAFLSDNFKKSFQNV
LCLVKVSGTDDG
;
E
5 'polypeptide(L)'
;DVQLVESGGGLVQPGGSRKLSCSASGFAFSSFGMHWVRQAPEKGLEWVAYISSGSGTIYYADTVKGRFTISRDDPKNTLF
LQMTSLRSEDTAMYYCVRSIYYYGSSPFDFWGQGTTLTVSSGGGGSGGGGSGGGGSDIVMTQATSSVPVTPGESVSISCR
SSKSLLHSNGNTYLYWFLQRPGQSPQLLIYRMSNLASGVPDRFSGSGSGTAFTLTISRLEAEDVGVYYCMQHLEYPLTFG
AGTKLELKAAAHHHHHHHH
;
S
#
loop_
_chem_comp.id
_chem_comp.type
_chem_comp.name
_chem_comp.formula
IUD non-polymer Paltusotine 'C27 H22 F2 N4 O'
#
# COMPACT_ATOMS: atom_id res chain seq x y z
N GLY A 2 -7.23 18.84 -15.92
CA GLY A 2 -7.51 17.76 -16.85
C GLY A 2 -6.97 18.01 -18.25
N CYS A 3 -7.67 18.84 -19.01
CA CYS A 3 -7.23 19.18 -20.36
C CYS A 3 -6.12 20.22 -20.37
N THR A 4 -5.80 20.81 -19.22
CA THR A 4 -4.76 21.83 -19.14
C THR A 4 -3.35 21.25 -19.11
N LEU A 5 -3.21 19.93 -19.02
CA LEU A 5 -1.90 19.31 -18.97
C LEU A 5 -1.16 19.49 -20.31
N SER A 6 0.16 19.49 -20.23
CA SER A 6 1.00 19.59 -21.41
C SER A 6 1.22 18.20 -22.02
N ALA A 7 2.14 18.10 -22.98
CA ALA A 7 2.43 16.81 -23.59
C ALA A 7 3.25 15.92 -22.67
N GLU A 8 4.06 16.51 -21.79
CA GLU A 8 4.90 15.73 -20.88
C GLU A 8 4.06 15.11 -19.76
N ASP A 9 3.14 15.88 -19.20
CA ASP A 9 2.38 15.39 -18.05
C ASP A 9 1.44 14.26 -18.43
N LYS A 10 0.95 14.23 -19.67
CA LYS A 10 0.12 13.12 -20.11
C LYS A 10 0.90 11.82 -20.13
N ALA A 11 2.14 11.86 -20.64
CA ALA A 11 2.98 10.66 -20.63
C ALA A 11 3.36 10.27 -19.20
N ALA A 12 3.57 11.26 -18.34
CA ALA A 12 3.82 10.94 -16.93
C ALA A 12 2.63 10.21 -16.31
N VAL A 13 1.41 10.67 -16.61
CA VAL A 13 0.22 10.02 -16.10
C VAL A 13 0.08 8.61 -16.65
N GLU A 14 0.40 8.41 -17.93
CA GLU A 14 0.36 7.07 -18.50
C GLU A 14 1.35 6.15 -17.79
N ARG A 15 2.56 6.65 -17.51
CA ARG A 15 3.54 5.85 -16.79
C ARG A 15 3.04 5.48 -15.40
N SER A 16 2.43 6.45 -14.70
CA SER A 16 1.92 6.17 -13.36
C SER A 16 0.80 5.14 -13.40
N LYS A 17 -0.07 5.22 -14.40
CA LYS A 17 -1.14 4.25 -14.55
C LYS A 17 -0.59 2.85 -14.79
N MET A 18 0.42 2.73 -15.64
CA MET A 18 1.02 1.41 -15.89
C MET A 18 1.67 0.86 -14.62
N ILE A 19 2.33 1.72 -13.85
CA ILE A 19 2.91 1.29 -12.58
C ILE A 19 1.81 0.79 -11.65
N ASP A 20 0.68 1.50 -11.60
CA ASP A 20 -0.44 1.07 -10.76
C ASP A 20 -0.95 -0.30 -11.17
N ARG A 21 -1.12 -0.54 -12.47
CA ARG A 21 -1.64 -1.82 -12.90
C ARG A 21 -0.65 -2.95 -12.59
N ASN A 22 0.65 -2.70 -12.77
CA ASN A 22 1.64 -3.71 -12.42
C ASN A 22 1.62 -4.02 -10.93
N LEU A 23 1.54 -2.97 -10.10
CA LEU A 23 1.46 -3.17 -8.65
C LEU A 23 0.25 -4.02 -8.28
N ARG A 24 -0.90 -3.69 -8.85
CA ARG A 24 -2.12 -4.41 -8.52
C ARG A 24 -2.04 -5.88 -8.93
N GLU A 25 -1.55 -6.15 -10.15
CA GLU A 25 -1.50 -7.53 -10.61
C GLU A 25 -0.46 -8.33 -9.83
N ASP A 26 0.65 -7.69 -9.41
CA ASP A 26 1.62 -8.39 -8.58
C ASP A 26 1.07 -8.68 -7.18
N GLY A 27 0.32 -7.72 -6.62
CA GLY A 27 -0.23 -7.92 -5.29
C GLY A 27 -1.41 -8.87 -5.25
N GLU A 28 -2.09 -9.07 -6.37
CA GLU A 28 -3.17 -10.06 -6.42
C GLU A 28 -2.63 -11.47 -6.21
N LYS A 29 -1.49 -11.79 -6.83
CA LYS A 29 -0.94 -13.14 -6.73
C LYS A 29 -0.41 -13.43 -5.34
N ALA A 30 0.11 -12.41 -4.64
CA ALA A 30 0.66 -12.62 -3.31
C ALA A 30 -0.41 -12.89 -2.25
N ALA A 31 -1.69 -12.72 -2.58
CA ALA A 31 -2.75 -12.95 -1.62
C ALA A 31 -3.18 -14.41 -1.54
N ARG A 32 -2.78 -15.24 -2.50
CA ARG A 32 -3.12 -16.65 -2.52
C ARG A 32 -1.95 -17.54 -2.14
N GLU A 33 -1.00 -17.00 -1.38
CA GLU A 33 0.09 -17.77 -0.82
C GLU A 33 -0.17 -18.03 0.65
N VAL A 34 0.28 -19.18 1.13
CA VAL A 34 0.10 -19.58 2.52
C VAL A 34 1.41 -19.32 3.26
N LYS A 35 1.35 -18.46 4.27
CA LYS A 35 2.51 -18.09 5.06
C LYS A 35 2.49 -18.86 6.38
N LEU A 36 3.61 -19.49 6.72
CA LEU A 36 3.74 -20.27 7.94
C LEU A 36 4.91 -19.75 8.75
N LEU A 37 4.68 -19.49 10.03
CA LEU A 37 5.73 -19.07 10.95
C LEU A 37 6.12 -20.24 11.82
N LEU A 38 7.40 -20.62 11.75
CA LEU A 38 7.90 -21.83 12.41
C LEU A 38 8.71 -21.46 13.64
N LEU A 39 8.34 -22.04 14.78
CA LEU A 39 9.03 -21.81 16.04
C LEU A 39 9.43 -23.14 16.66
N GLY A 40 10.44 -23.10 17.53
CA GLY A 40 10.92 -24.30 18.19
C GLY A 40 11.83 -23.99 19.35
N ALA A 41 12.13 -25.00 20.17
CA ALA A 41 12.98 -24.80 21.33
C ALA A 41 14.46 -24.84 20.97
N GLY A 42 14.78 -25.11 19.71
CA GLY A 42 16.16 -25.32 19.33
C GLY A 42 16.37 -26.58 18.52
N GLU A 43 17.07 -27.55 19.10
CA GLU A 43 17.36 -28.81 18.42
C GLU A 43 16.15 -29.74 18.46
N SER A 44 14.96 -29.16 18.67
CA SER A 44 13.72 -29.93 18.78
C SER A 44 13.21 -30.39 17.43
N GLY A 45 14.04 -30.33 16.40
CA GLY A 45 13.66 -30.81 15.09
C GLY A 45 13.39 -29.76 14.04
N LYS A 46 13.71 -28.49 14.32
CA LYS A 46 13.53 -27.45 13.33
C LYS A 46 14.41 -27.64 12.11
N ASN A 47 15.64 -28.13 12.29
CA ASN A 47 16.53 -28.32 11.16
C ASN A 47 16.11 -29.46 10.25
N THR A 48 15.16 -30.29 10.68
CA THR A 48 14.71 -31.42 9.88
C THR A 48 13.68 -30.98 8.84
N ILE A 49 14.09 -30.11 7.92
CA ILE A 49 13.22 -29.66 6.85
C ILE A 49 13.69 -30.12 5.48
N VAL A 50 15.01 -30.15 5.23
CA VAL A 50 15.52 -30.49 3.92
C VAL A 50 15.19 -31.94 3.56
N LYS A 51 14.86 -32.75 4.56
CA LYS A 51 14.48 -34.13 4.31
C LYS A 51 12.98 -34.36 4.39
N GLN A 52 12.32 -33.84 5.43
CA GLN A 52 10.91 -34.13 5.65
C GLN A 52 10.03 -33.54 4.56
N MET A 53 10.26 -32.28 4.18
CA MET A 53 9.40 -31.59 3.24
C MET A 53 10.10 -31.13 1.97
N LYS A 54 11.42 -31.30 1.86
CA LYS A 54 12.16 -30.89 0.68
C LYS A 54 12.73 -32.12 -0.01
N ILE A 55 12.76 -32.08 -1.34
CA ILE A 55 13.29 -33.19 -2.13
C ILE A 55 14.79 -33.32 -1.91
N GLY A 183 19.93 -13.38 10.70
CA GLY A 183 18.91 -13.09 9.71
C GLY A 183 17.72 -14.01 9.81
N ILE A 184 16.79 -13.88 8.87
CA ILE A 184 15.58 -14.69 8.80
C ILE A 184 15.68 -15.61 7.58
N VAL A 185 15.50 -16.91 7.81
CA VAL A 185 15.63 -17.91 6.77
C VAL A 185 14.25 -18.25 6.24
N GLU A 186 14.11 -18.28 4.91
CA GLU A 186 12.83 -18.51 4.25
C GLU A 186 12.99 -19.60 3.20
N THR A 187 12.03 -20.54 3.19
CA THR A 187 12.04 -21.65 2.25
C THR A 187 10.73 -21.70 1.49
N HIS A 188 10.81 -22.01 0.20
CA HIS A 188 9.65 -22.07 -0.68
C HIS A 188 9.48 -23.51 -1.18
N PHE A 189 8.24 -23.99 -1.17
CA PHE A 189 7.93 -25.30 -1.74
C PHE A 189 6.45 -25.33 -2.12
N THR A 190 6.10 -26.33 -2.93
CA THR A 190 4.74 -26.50 -3.42
C THR A 190 4.27 -27.92 -3.12
N PHE A 191 2.96 -28.09 -3.04
CA PHE A 191 2.36 -29.40 -2.74
C PHE A 191 0.90 -29.36 -3.14
N LYS A 192 0.50 -30.27 -4.04
CA LYS A 192 -0.89 -30.39 -4.49
C LYS A 192 -1.43 -29.06 -4.99
N ASP A 193 -0.59 -28.36 -5.77
CA ASP A 193 -0.93 -27.05 -6.33
C ASP A 193 -1.27 -26.06 -5.21
N LEU A 194 -0.28 -25.79 -4.37
CA LEU A 194 -0.43 -24.82 -3.29
C LEU A 194 0.96 -24.31 -2.90
N HIS A 195 1.11 -22.99 -2.85
CA HIS A 195 2.40 -22.38 -2.57
C HIS A 195 2.57 -22.15 -1.07
N PHE A 196 3.74 -22.50 -0.55
CA PHE A 196 4.04 -22.39 0.87
C PHE A 196 5.28 -21.54 1.07
N LYS A 197 5.29 -20.76 2.14
CA LYS A 197 6.44 -19.95 2.53
C LYS A 197 6.64 -20.13 4.03
N MET A 198 7.74 -20.77 4.42
CA MET A 198 8.05 -21.04 5.82
C MET A 198 9.17 -20.11 6.28
N PHE A 199 8.93 -19.38 7.37
CA PHE A 199 9.89 -18.42 7.89
C PHE A 199 10.49 -18.98 9.18
N ASP A 200 11.80 -19.16 9.19
CA ASP A 200 12.54 -19.62 10.36
C ASP A 200 13.13 -18.41 11.05
N VAL A 201 12.59 -18.06 12.21
CA VAL A 201 12.99 -16.86 12.93
C VAL A 201 13.75 -17.22 14.21
N GLY A 202 14.19 -18.48 14.33
CA GLY A 202 14.86 -18.92 15.54
C GLY A 202 16.31 -18.50 15.67
N ALA A 203 16.86 -17.89 14.63
CA ALA A 203 18.27 -17.49 14.66
C ALA A 203 18.44 -15.98 14.81
N GLN A 204 17.38 -15.29 15.20
CA GLN A 204 17.46 -13.83 15.30
C GLN A 204 18.22 -13.40 16.56
N ARG A 205 17.98 -14.06 17.68
CA ARG A 205 18.65 -13.77 18.95
C ARG A 205 18.50 -12.30 19.34
N SER A 206 17.28 -11.78 19.17
CA SER A 206 16.98 -10.40 19.49
C SER A 206 15.69 -10.35 20.31
N GLU A 207 15.34 -9.16 20.76
CA GLU A 207 14.14 -8.98 21.57
C GLU A 207 12.89 -9.24 20.73
N ARG A 208 12.08 -10.20 21.15
CA ARG A 208 10.94 -10.61 20.35
C ARG A 208 9.85 -9.54 20.30
N LYS A 209 9.72 -8.75 21.37
CA LYS A 209 8.62 -7.79 21.44
C LYS A 209 8.71 -6.71 20.37
N LYS A 210 9.92 -6.41 19.90
CA LYS A 210 10.11 -5.30 18.97
C LYS A 210 9.79 -5.66 17.52
N TRP A 211 9.67 -6.95 17.19
CA TRP A 211 9.42 -7.34 15.80
C TRP A 211 8.39 -8.46 15.66
N ILE A 212 7.70 -8.83 16.75
CA ILE A 212 6.72 -9.91 16.64
C ILE A 212 5.45 -9.47 15.94
N HIS A 213 5.16 -8.17 15.90
CA HIS A 213 3.98 -7.67 15.20
C HIS A 213 4.12 -7.74 13.70
N CYS A 214 5.31 -8.03 13.17
CA CYS A 214 5.50 -8.13 11.73
C CYS A 214 4.84 -9.36 11.13
N PHE A 215 4.44 -10.33 11.95
CA PHE A 215 3.77 -11.55 11.50
C PHE A 215 2.32 -11.58 11.96
N GLU A 216 1.66 -10.41 11.95
CA GLU A 216 0.30 -10.31 12.47
C GLU A 216 -0.70 -11.05 11.60
N GLY A 217 -0.44 -11.16 10.30
CA GLY A 217 -1.36 -11.78 9.37
C GLY A 217 -1.01 -13.19 8.91
N VAL A 218 -0.12 -13.89 9.61
CA VAL A 218 0.32 -15.21 9.18
C VAL A 218 -0.81 -16.22 9.36
N THR A 219 -0.65 -17.40 8.77
CA THR A 219 -1.62 -18.49 8.89
C THR A 219 -0.94 -19.68 9.55
N ALA A 220 -1.56 -20.23 10.59
CA ALA A 220 -1.18 -21.52 11.15
C ALA A 220 0.27 -21.54 11.62
N ILE A 221 0.54 -20.78 12.68
CA ILE A 221 1.83 -20.86 13.36
C ILE A 221 2.15 -22.31 13.69
N ILE A 222 3.37 -22.72 13.37
CA ILE A 222 3.84 -24.08 13.66
C ILE A 222 4.78 -24.01 14.84
N PHE A 223 4.50 -24.80 15.88
CA PHE A 223 5.31 -24.85 17.09
C PHE A 223 5.89 -26.25 17.24
N CYS A 224 7.05 -26.45 16.62
CA CYS A 224 7.75 -27.72 16.74
C CYS A 224 8.36 -27.86 18.13
N VAL A 225 8.12 -29.00 18.77
CA VAL A 225 8.60 -29.29 20.11
C VAL A 225 9.29 -30.65 20.06
N ALA A 226 10.03 -30.97 21.13
CA ALA A 226 10.58 -32.30 21.34
C ALA A 226 10.53 -32.58 22.84
N LEU A 227 9.43 -33.19 23.29
CA LEU A 227 9.28 -33.47 24.72
C LEU A 227 9.50 -34.95 25.04
N SER A 228 9.90 -35.76 24.07
CA SER A 228 10.32 -37.13 24.38
C SER A 228 11.52 -37.14 25.30
N ASP A 229 12.31 -36.07 25.30
CA ASP A 229 13.44 -35.93 26.23
C ASP A 229 13.02 -35.06 27.41
N TYR A 230 12.11 -35.62 28.22
CA TYR A 230 11.62 -34.96 29.42
C TYR A 230 12.38 -35.39 30.67
N ASP A 231 12.50 -36.70 30.88
CA ASP A 231 13.19 -37.20 32.08
C ASP A 231 14.64 -36.76 32.11
N LEU A 232 15.21 -36.42 30.96
CA LEU A 232 16.56 -35.86 30.89
C LEU A 232 16.46 -34.38 31.26
N VAL A 233 16.50 -34.12 32.57
CA VAL A 233 16.29 -32.78 33.12
C VAL A 233 17.58 -32.00 32.87
N LEU A 234 17.58 -31.16 31.84
CA LEU A 234 18.71 -30.30 31.52
C LEU A 234 18.18 -28.97 31.02
N ALA A 235 18.91 -27.90 31.30
CA ALA A 235 18.47 -26.57 30.90
C ALA A 235 19.61 -25.72 30.35
N GLU A 236 20.84 -26.22 30.51
CA GLU A 236 22.07 -25.45 30.26
C GLU A 236 22.15 -24.28 31.23
N ASP A 237 21.35 -24.35 32.30
CA ASP A 237 21.37 -23.38 33.39
C ASP A 237 21.53 -24.02 34.76
N GLU A 238 21.53 -25.35 34.85
CA GLU A 238 21.74 -26.17 36.05
C GLU A 238 20.56 -26.11 37.02
N GLU A 239 19.45 -25.48 36.66
CA GLU A 239 18.34 -25.34 37.59
C GLU A 239 16.98 -25.71 37.00
N MET A 240 16.78 -25.55 35.70
CA MET A 240 15.46 -25.66 35.10
C MET A 240 15.35 -26.94 34.28
N ASN A 241 14.22 -27.09 33.60
CA ASN A 241 13.91 -28.25 32.80
C ASN A 241 13.40 -27.85 31.42
N ARG A 242 13.60 -28.74 30.45
CA ARG A 242 13.16 -28.47 29.08
C ARG A 242 11.64 -28.34 29.00
N MET A 243 10.93 -29.23 29.69
CA MET A 243 9.47 -29.24 29.62
C MET A 243 8.89 -27.91 30.11
N HIS A 244 9.36 -27.45 31.27
CA HIS A 244 8.79 -26.25 31.87
C HIS A 244 9.03 -25.03 30.99
N ALA A 245 10.26 -24.87 30.52
CA ALA A 245 10.56 -23.77 29.62
C ALA A 245 9.68 -23.86 28.39
N SER A 246 9.60 -25.04 27.79
CA SER A 246 8.80 -25.21 26.59
C SER A 246 7.37 -24.75 26.80
N MET A 247 6.77 -25.09 27.94
CA MET A 247 5.42 -24.61 28.21
C MET A 247 5.38 -23.11 28.45
N LYS A 248 6.44 -22.54 29.07
CA LYS A 248 6.48 -21.09 29.19
C LYS A 248 6.48 -20.43 27.82
N LEU A 249 7.28 -20.95 26.89
CA LEU A 249 7.31 -20.39 25.54
C LEU A 249 5.96 -20.57 24.85
N PHE A 250 5.34 -21.74 25.00
CA PHE A 250 4.05 -21.99 24.36
C PHE A 250 2.98 -21.04 24.87
N ASP A 251 2.94 -20.82 26.19
CA ASP A 251 1.97 -19.89 26.75
C ASP A 251 2.27 -18.45 26.34
N SER A 252 3.55 -18.09 26.27
CA SER A 252 3.91 -16.73 25.87
C SER A 252 3.49 -16.45 24.43
N ILE A 253 3.72 -17.40 23.53
CA ILE A 253 3.40 -17.18 22.12
C ILE A 253 1.89 -17.17 21.90
N CYS A 254 1.17 -18.10 22.54
CA CYS A 254 -0.24 -18.30 22.22
C CYS A 254 -1.14 -17.17 22.69
N ASN A 255 -0.71 -16.39 23.69
CA ASN A 255 -1.59 -15.42 24.34
C ASN A 255 -1.12 -13.98 24.16
N ASN A 256 -0.59 -13.65 22.98
CA ASN A 256 -0.27 -12.26 22.69
C ASN A 256 -1.54 -11.48 22.38
N LYS A 257 -1.43 -10.15 22.42
CA LYS A 257 -2.52 -9.33 21.91
C LYS A 257 -2.71 -9.55 20.40
N TRP A 258 -1.63 -9.86 19.70
CA TRP A 258 -1.70 -10.36 18.34
C TRP A 258 -1.84 -11.88 18.38
N PHE A 259 -1.83 -12.50 17.21
CA PHE A 259 -1.93 -13.95 17.05
C PHE A 259 -3.25 -14.51 17.54
N THR A 260 -4.19 -13.66 17.94
CA THR A 260 -5.56 -14.12 18.16
C THR A 260 -6.16 -14.57 16.84
N ASP A 261 -7.00 -15.60 16.88
CA ASP A 261 -7.61 -16.12 15.65
C ASP A 261 -6.55 -16.73 14.73
N THR A 262 -5.47 -17.22 15.30
CA THR A 262 -4.40 -17.85 14.53
C THR A 262 -4.20 -19.26 15.07
N SER A 263 -4.51 -20.27 14.25
CA SER A 263 -4.41 -21.65 14.69
C SER A 263 -2.95 -22.06 14.85
N ILE A 264 -2.73 -23.08 15.67
CA ILE A 264 -1.41 -23.62 15.95
C ILE A 264 -1.43 -25.13 15.70
N ILE A 265 -0.47 -25.62 14.93
CA ILE A 265 -0.33 -27.05 14.67
C ILE A 265 0.95 -27.53 15.32
N LEU A 266 0.84 -28.62 16.10
CA LEU A 266 1.93 -29.10 16.93
C LEU A 266 2.55 -30.36 16.35
N PHE A 267 3.88 -30.41 16.33
CA PHE A 267 4.63 -31.61 16.03
C PHE A 267 5.39 -32.02 17.28
N LEU A 268 5.20 -33.26 17.72
CA LEU A 268 5.66 -33.65 19.05
C LEU A 268 7.11 -34.16 19.04
N ASN A 269 7.36 -35.28 18.38
CA ASN A 269 8.71 -35.86 18.30
C ASN A 269 8.61 -37.16 17.51
N LYS A 270 9.77 -37.76 17.27
CA LYS A 270 9.83 -39.18 16.89
C LYS A 270 9.64 -40.01 18.15
N LYS A 271 8.66 -40.91 18.13
CA LYS A 271 8.21 -41.58 19.33
C LYS A 271 9.12 -42.70 19.81
N ASP A 272 10.08 -43.14 18.98
CA ASP A 272 10.90 -44.30 19.35
C ASP A 272 11.78 -44.00 20.56
N LEU A 273 12.33 -42.78 20.63
CA LEU A 273 13.13 -42.42 21.79
C LEU A 273 12.29 -42.44 23.06
N PHE A 274 11.06 -41.95 22.99
CA PHE A 274 10.17 -42.01 24.15
C PHE A 274 9.86 -43.45 24.52
N GLU A 275 9.64 -44.31 23.52
CA GLU A 275 9.41 -45.74 23.76
C GLU A 275 10.56 -46.34 24.55
N GLU A 276 11.79 -46.13 24.07
CA GLU A 276 12.95 -46.75 24.68
C GLU A 276 13.41 -46.05 25.96
N LYS A 277 12.88 -44.84 26.24
CA LYS A 277 13.26 -44.11 27.42
C LYS A 277 12.29 -44.24 28.58
N ILE A 278 11.01 -44.52 28.32
CA ILE A 278 10.07 -44.71 29.42
C ILE A 278 10.13 -46.12 29.99
N LYS A 279 10.59 -47.09 29.21
CA LYS A 279 10.60 -48.48 29.69
C LYS A 279 11.69 -48.69 30.74
N LYS A 280 12.90 -48.21 30.47
CA LYS A 280 14.01 -48.47 31.39
C LYS A 280 13.96 -47.60 32.64
N SER A 281 13.45 -46.38 32.53
CA SER A 281 13.47 -45.43 33.64
C SER A 281 12.05 -44.94 33.92
N PRO A 282 11.42 -45.38 35.01
CA PRO A 282 10.12 -44.82 35.38
C PRO A 282 10.26 -43.45 36.02
N LEU A 283 10.97 -42.55 35.34
CA LEU A 283 11.23 -41.21 35.85
C LEU A 283 10.09 -40.24 35.59
N THR A 284 9.01 -40.69 34.93
CA THR A 284 7.88 -39.81 34.67
C THR A 284 7.21 -39.32 35.95
N ILE A 285 7.45 -39.99 37.08
CA ILE A 285 6.88 -39.55 38.34
C ILE A 285 7.47 -38.23 38.81
N CYS A 286 8.59 -37.80 38.21
CA CYS A 286 9.16 -36.49 38.55
C CYS A 286 8.18 -35.37 38.25
N TYR A 287 7.24 -35.58 37.34
CA TYR A 287 6.14 -34.64 37.15
C TYR A 287 5.18 -34.79 38.32
N PRO A 288 4.91 -33.73 39.08
CA PRO A 288 4.05 -33.87 40.26
C PRO A 288 2.62 -34.23 39.87
N GLU A 289 1.97 -35.01 40.74
CA GLU A 289 0.57 -35.39 40.61
C GLU A 289 0.31 -36.13 39.29
N TYR A 290 0.93 -37.31 39.17
CA TYR A 290 0.66 -38.22 38.08
C TYR A 290 0.39 -39.61 38.64
N ALA A 291 -0.60 -40.29 38.06
CA ALA A 291 -1.07 -41.58 38.57
C ALA A 291 -0.43 -42.76 37.85
N GLY A 292 -0.58 -42.84 36.53
CA GLY A 292 -0.05 -43.95 35.76
C GLY A 292 1.45 -43.87 35.62
N SER A 293 2.00 -44.87 34.95
CA SER A 293 3.44 -44.93 34.74
C SER A 293 3.76 -45.97 33.67
N ASN A 294 4.81 -45.69 32.90
CA ASN A 294 5.39 -46.65 31.95
C ASN A 294 4.36 -47.16 30.94
N THR A 295 3.49 -46.28 30.48
CA THR A 295 2.56 -46.60 29.41
C THR A 295 2.62 -45.47 28.39
N TYR A 296 3.07 -45.79 27.17
CA TYR A 296 3.31 -44.76 26.17
C TYR A 296 2.02 -44.03 25.80
N GLU A 297 0.92 -44.77 25.62
CA GLU A 297 -0.34 -44.15 25.25
C GLU A 297 -0.79 -43.15 26.32
N GLU A 298 -0.77 -43.56 27.59
CA GLU A 298 -1.23 -42.69 28.66
C GLU A 298 -0.33 -41.46 28.81
N ALA A 299 0.99 -41.65 28.78
CA ALA A 299 1.90 -40.52 28.92
C ALA A 299 1.77 -39.54 27.76
N ALA A 300 1.68 -40.06 26.54
CA ALA A 300 1.52 -39.19 25.37
C ALA A 300 0.21 -38.42 25.43
N ALA A 301 -0.88 -39.10 25.79
CA ALA A 301 -2.16 -38.41 25.91
C ALA A 301 -2.13 -37.37 27.01
N TYR A 302 -1.45 -37.66 28.11
CA TYR A 302 -1.33 -36.70 29.19
C TYR A 302 -0.56 -35.46 28.76
N ILE A 303 0.54 -35.66 28.03
CA ILE A 303 1.32 -34.51 27.55
C ILE A 303 0.50 -33.68 26.56
N GLN A 304 -0.20 -34.35 25.65
CA GLN A 304 -1.03 -33.64 24.67
C GLN A 304 -2.13 -32.84 25.37
N CYS A 305 -2.76 -33.43 26.40
CA CYS A 305 -3.76 -32.71 27.17
C CYS A 305 -3.12 -31.53 27.90
N GLN A 306 -1.89 -31.69 28.37
CA GLN A 306 -1.21 -30.62 29.08
C GLN A 306 -0.97 -29.41 28.16
N PHE A 307 -0.55 -29.67 26.92
CA PHE A 307 -0.36 -28.55 25.99
C PHE A 307 -1.70 -27.99 25.52
N GLU A 308 -2.64 -28.87 25.15
CA GLU A 308 -3.90 -28.39 24.58
C GLU A 308 -4.79 -27.70 25.60
N ASP A 309 -4.49 -27.79 26.89
CA ASP A 309 -5.24 -27.10 27.93
C ASP A 309 -4.52 -25.87 28.45
N LEU A 310 -3.61 -25.31 27.66
CA LEU A 310 -2.84 -24.13 28.07
C LEU A 310 -3.34 -22.83 27.46
N ASN A 311 -3.98 -22.89 26.30
CA ASN A 311 -4.47 -21.67 25.66
C ASN A 311 -5.61 -21.05 26.46
N LYS A 312 -5.60 -19.72 26.55
CA LYS A 312 -6.58 -18.99 27.33
C LYS A 312 -7.81 -18.58 26.53
N ARG A 313 -7.82 -18.84 25.21
CA ARG A 313 -8.99 -18.49 24.40
C ARG A 313 -10.00 -19.63 24.36
N LYS A 314 -9.60 -20.78 23.82
CA LYS A 314 -10.40 -22.00 23.83
C LYS A 314 -11.73 -21.87 23.10
N ASP A 315 -11.99 -20.71 22.49
CA ASP A 315 -13.25 -20.48 21.79
C ASP A 315 -13.11 -19.90 20.40
N THR A 316 -11.97 -19.27 20.09
CA THR A 316 -11.75 -18.65 18.79
C THR A 316 -10.43 -19.06 18.14
N LYS A 317 -9.70 -19.97 18.78
CA LYS A 317 -8.43 -20.45 18.27
C LYS A 317 -8.37 -21.96 18.43
N GLU A 318 -7.92 -22.64 17.38
CA GLU A 318 -7.90 -24.09 17.35
C GLU A 318 -6.47 -24.60 17.32
N ILE A 319 -6.24 -25.75 17.95
CA ILE A 319 -4.92 -26.36 18.04
C ILE A 319 -4.99 -27.78 17.45
N TYR A 320 -4.09 -28.07 16.51
CA TYR A 320 -4.00 -29.38 15.89
C TYR A 320 -2.73 -30.07 16.39
N THR A 321 -2.86 -31.36 16.73
CA THR A 321 -1.77 -32.12 17.32
C THR A 321 -1.45 -33.32 16.44
N HIS A 322 -0.17 -33.57 16.22
CA HIS A 322 0.28 -34.66 15.37
C HIS A 322 1.55 -35.26 15.94
N PHE A 323 1.78 -36.54 15.62
CA PHE A 323 2.98 -37.26 16.03
C PHE A 323 3.79 -37.60 14.78
N THR A 324 5.05 -37.18 14.76
CA THR A 324 5.88 -37.35 13.58
C THR A 324 6.44 -38.77 13.50
N CYS A 325 6.49 -39.29 12.27
CA CYS A 325 7.02 -40.63 12.01
C CYS A 325 8.09 -40.54 10.94
N SER A 326 8.88 -41.59 10.81
CA SER A 326 9.98 -41.59 9.84
C SER A 326 9.47 -41.35 8.42
N THR A 327 8.26 -41.79 8.12
CA THR A 327 7.77 -41.67 6.76
C THR A 327 7.81 -40.22 6.31
N ASP A 328 8.27 -40.01 5.07
CA ASP A 328 8.45 -38.65 4.55
C ASP A 328 7.11 -38.02 4.16
N THR A 329 6.19 -38.80 3.62
CA THR A 329 4.94 -38.23 3.11
C THR A 329 3.99 -37.87 4.26
N LYS A 330 4.05 -38.60 5.37
CA LYS A 330 3.08 -38.42 6.45
C LYS A 330 3.20 -37.07 7.15
N ASN A 331 4.31 -36.36 6.96
CA ASN A 331 4.51 -35.08 7.64
C ASN A 331 4.09 -33.88 6.81
N VAL A 332 3.59 -34.09 5.60
CA VAL A 332 3.14 -33.01 4.73
C VAL A 332 1.63 -33.03 4.54
N GLN A 333 1.05 -34.23 4.46
CA GLN A 333 -0.41 -34.34 4.31
C GLN A 333 -1.13 -33.70 5.49
N PHE A 334 -0.59 -33.87 6.70
CA PHE A 334 -1.20 -33.25 7.88
C PHE A 334 -1.20 -31.73 7.76
N VAL A 335 -0.07 -31.16 7.32
CA VAL A 335 0.01 -29.70 7.18
C VAL A 335 -0.96 -29.22 6.12
N PHE A 336 -1.05 -29.94 4.99
CA PHE A 336 -1.98 -29.57 3.94
C PHE A 336 -3.43 -29.60 4.44
N ASP A 337 -3.80 -30.66 5.16
CA ASP A 337 -5.15 -30.74 5.69
C ASP A 337 -5.43 -29.62 6.67
N ALA A 338 -4.48 -29.34 7.56
CA ALA A 338 -4.69 -28.29 8.56
C ALA A 338 -4.85 -26.92 7.90
N VAL A 339 -4.02 -26.61 6.91
CA VAL A 339 -4.10 -25.29 6.28
C VAL A 339 -5.39 -25.18 5.47
N THR A 340 -5.81 -26.24 4.80
CA THR A 340 -7.07 -26.14 4.06
C THR A 340 -8.26 -26.00 5.00
N ASP A 341 -8.22 -26.66 6.16
CA ASP A 341 -9.28 -26.48 7.14
C ASP A 341 -9.31 -25.04 7.65
N VAL A 342 -8.12 -24.47 7.92
CA VAL A 342 -8.06 -23.08 8.38
C VAL A 342 -8.61 -22.14 7.31
N ILE A 343 -8.27 -22.38 6.05
CA ILE A 343 -8.77 -21.53 4.96
C ILE A 343 -10.28 -21.62 4.87
N ILE A 344 -10.83 -22.84 4.98
CA ILE A 344 -12.29 -23.01 4.90
C ILE A 344 -12.97 -22.29 6.05
N LYS A 345 -12.43 -22.39 7.25
CA LYS A 345 -13.01 -21.67 8.39
C LYS A 345 -12.96 -20.16 8.18
N ASN A 346 -11.84 -19.66 7.64
CA ASN A 346 -11.73 -18.23 7.37
C ASN A 346 -12.76 -17.79 6.33
N ASN A 347 -12.97 -18.60 5.29
CA ASN A 347 -13.97 -18.25 4.28
C ASN A 347 -15.37 -18.24 4.87
N LEU A 348 -15.68 -19.21 5.73
CA LEU A 348 -16.99 -19.21 6.40
C LEU A 348 -17.16 -17.96 7.26
N LYS A 349 -16.14 -17.60 8.03
CA LYS A 349 -16.25 -16.42 8.88
C LYS A 349 -16.32 -15.14 8.06
N ASP A 350 -15.76 -15.15 6.85
CA ASP A 350 -15.74 -13.96 6.02
C ASP A 350 -17.03 -13.78 5.22
N CYS A 351 -17.67 -14.87 4.80
CA CYS A 351 -18.85 -14.78 3.95
C CYS A 351 -20.15 -14.61 4.74
N GLY A 352 -20.08 -14.50 6.07
CA GLY A 352 -21.23 -14.19 6.87
C GLY A 352 -22.04 -15.37 7.37
N LEU A 353 -21.72 -16.59 6.94
CA LEU A 353 -22.44 -17.75 7.43
C LEU A 353 -22.05 -18.15 8.84
N PHE A 354 -21.01 -17.53 9.40
CA PHE A 354 -20.52 -17.90 10.72
C PHE A 354 -20.91 -16.85 11.76
N GLY B 11 35.89 -9.72 42.48
CA GLY B 11 35.23 -9.61 43.76
C GLY B 11 35.50 -8.31 44.47
N SER B 12 36.56 -8.29 45.28
CA SER B 12 36.94 -7.06 45.98
C SER B 12 37.33 -5.97 45.00
N GLU B 13 38.11 -6.31 43.98
CA GLU B 13 38.41 -5.36 42.92
C GLU B 13 37.16 -4.94 42.18
N LEU B 14 36.27 -5.89 41.90
CA LEU B 14 34.99 -5.55 41.26
C LEU B 14 34.16 -4.64 42.15
N ASP B 15 34.12 -4.93 43.45
CA ASP B 15 33.34 -4.10 44.37
C ASP B 15 33.89 -2.67 44.45
N GLN B 16 35.22 -2.54 44.53
CA GLN B 16 35.79 -1.20 44.60
C GLN B 16 35.65 -0.45 43.28
N LEU B 17 35.70 -1.16 42.15
CA LEU B 17 35.42 -0.52 40.86
C LEU B 17 33.99 -0.04 40.80
N ARG B 18 33.04 -0.83 41.31
CA ARG B 18 31.65 -0.41 41.35
C ARG B 18 31.47 0.80 42.26
N GLN B 19 32.17 0.83 43.40
CA GLN B 19 32.09 1.97 44.30
C GLN B 19 32.65 3.22 43.64
N GLU B 20 33.77 3.09 42.92
CA GLU B 20 34.32 4.22 42.19
C GLU B 20 33.36 4.72 41.11
N ALA B 21 32.71 3.79 40.40
CA ALA B 21 31.73 4.18 39.40
C ALA B 21 30.56 4.92 40.03
N GLU B 22 30.09 4.45 41.18
CA GLU B 22 28.99 5.13 41.88
C GLU B 22 29.43 6.50 42.36
N GLN B 23 30.69 6.65 42.79
CA GLN B 23 31.19 7.96 43.18
C GLN B 23 31.23 8.92 42.00
N LEU B 24 31.68 8.44 40.83
CA LEU B 24 31.63 9.28 39.64
C LEU B 24 30.20 9.63 39.26
N LYS B 25 29.27 8.69 39.44
CA LYS B 25 27.87 8.98 39.17
C LYS B 25 27.33 10.06 40.10
N ASN B 26 27.71 9.99 41.38
CA ASN B 26 27.32 11.03 42.33
C ASN B 26 27.92 12.38 41.95
N GLN B 27 29.17 12.37 41.50
CA GLN B 27 29.80 13.62 41.06
C GLN B 27 29.05 14.22 39.88
N ILE B 28 28.67 13.39 38.91
CA ILE B 28 27.86 13.88 37.80
C ILE B 28 26.52 14.41 38.28
N ARG B 29 25.88 13.68 39.20
CA ARG B 29 24.55 14.07 39.67
C ARG B 29 24.57 15.41 40.39
N ASP B 30 25.56 15.64 41.25
CA ASP B 30 25.60 16.90 42.00
C ASP B 30 26.35 18.01 41.27
N ALA B 31 26.99 17.71 40.14
CA ALA B 31 27.48 18.78 39.27
C ALA B 31 26.41 19.23 38.28
N ARG B 32 25.52 18.34 37.87
CA ARG B 32 24.39 18.73 37.03
C ARG B 32 23.42 19.62 37.78
N LYS B 33 23.16 19.31 39.05
CA LYS B 33 22.10 19.97 39.81
C LYS B 33 22.45 21.39 40.22
N ALA B 34 23.71 21.79 40.11
CA ALA B 34 24.09 23.14 40.52
C ALA B 34 23.57 24.21 39.55
N CYS B 35 23.41 23.86 38.28
CA CYS B 35 23.03 24.83 37.26
C CYS B 35 21.52 24.95 37.09
N ALA B 36 20.74 24.01 37.61
CA ALA B 36 19.29 24.02 37.43
C ALA B 36 18.68 25.08 38.33
N ASP B 37 18.74 26.33 37.89
CA ASP B 37 18.24 27.46 38.68
C ASP B 37 16.75 27.68 38.45
N ALA B 38 16.34 27.87 37.20
CA ALA B 38 14.96 28.16 36.84
C ALA B 38 14.45 27.11 35.86
N THR B 39 13.15 27.13 35.60
CA THR B 39 12.51 26.22 34.68
C THR B 39 12.01 26.99 33.46
N LEU B 40 11.88 26.27 32.34
CA LEU B 40 11.52 26.92 31.08
C LEU B 40 10.13 27.53 31.14
N SER B 41 9.18 26.82 31.75
CA SER B 41 7.78 27.28 31.72
C SER B 41 7.61 28.62 32.42
N GLN B 42 8.25 28.80 33.57
CA GLN B 42 8.10 30.05 34.31
C GLN B 42 8.80 31.22 33.62
N ILE B 43 9.68 30.95 32.66
CA ILE B 43 10.34 32.02 31.91
C ILE B 43 9.58 32.28 30.62
N THR B 44 8.97 31.22 30.06
CA THR B 44 8.23 31.32 28.82
C THR B 44 6.82 31.86 29.03
N ASN B 45 6.34 31.92 30.27
CA ASN B 45 4.96 32.32 30.53
C ASN B 45 4.66 33.75 30.09
N ASN B 46 5.70 34.56 29.83
CA ASN B 46 5.47 35.91 29.35
C ASN B 46 4.95 35.91 27.91
N ILE B 47 5.42 34.97 27.08
CA ILE B 47 5.05 34.96 25.68
C ILE B 47 3.56 34.62 25.53
N ASP B 48 2.98 35.05 24.42
CA ASP B 48 1.58 34.88 24.04
C ASP B 48 1.38 33.55 23.32
N PRO B 49 0.43 32.74 23.80
CA PRO B 49 0.26 31.39 23.24
C PRO B 49 -0.16 31.41 21.78
N VAL B 50 0.31 30.40 21.04
CA VAL B 50 -0.06 30.25 19.64
C VAL B 50 -1.52 29.85 19.54
N GLY B 51 -2.16 30.24 18.44
CA GLY B 51 -3.55 29.93 18.24
C GLY B 51 -3.78 28.44 18.01
N ARG B 52 -5.06 28.06 18.06
CA ARG B 52 -5.45 26.67 17.88
C ARG B 52 -5.26 26.28 16.42
N ILE B 53 -4.19 25.55 16.14
CA ILE B 53 -3.83 25.19 14.77
C ILE B 53 -4.77 24.09 14.28
N GLN B 54 -5.38 24.33 13.12
CA GLN B 54 -6.22 23.33 12.47
C GLN B 54 -5.73 23.16 11.03
N MET B 55 -5.40 21.92 10.68
CA MET B 55 -4.87 21.60 9.35
C MET B 55 -5.81 20.62 8.65
N ARG B 56 -5.87 20.74 7.33
CA ARG B 56 -6.77 19.95 6.51
C ARG B 56 -5.97 18.96 5.67
N THR B 57 -6.68 17.96 5.14
CA THR B 57 -6.10 16.99 4.23
C THR B 57 -6.16 17.52 2.80
N ARG B 58 -5.00 17.61 2.15
CA ARG B 58 -4.91 18.07 0.77
C ARG B 58 -4.65 16.96 -0.22
N ARG B 59 -3.77 16.02 0.11
CA ARG B 59 -3.39 14.94 -0.79
C ARG B 59 -3.57 13.60 -0.09
N THR B 60 -4.08 12.62 -0.83
CA THR B 60 -4.20 11.25 -0.35
C THR B 60 -3.50 10.33 -1.34
N LEU B 61 -2.45 9.66 -0.88
CA LEU B 61 -1.63 8.82 -1.72
C LEU B 61 -2.00 7.36 -1.48
N ARG B 62 -2.38 6.65 -2.55
CA ARG B 62 -2.83 5.28 -2.45
C ARG B 62 -2.06 4.41 -3.44
N GLY B 63 -1.96 3.12 -3.11
CA GLY B 63 -1.24 2.19 -3.96
C GLY B 63 -0.52 1.09 -3.21
N HIS B 64 -0.27 1.29 -1.92
CA HIS B 64 0.31 0.24 -1.10
C HIS B 64 -0.76 -0.78 -0.70
N LEU B 65 -0.34 -2.02 -0.54
CA LEU B 65 -1.25 -3.13 -0.25
C LEU B 65 -0.96 -3.79 1.10
N ALA B 66 -0.16 -3.14 1.93
CA ALA B 66 0.16 -3.67 3.26
C ALA B 66 0.54 -2.50 4.16
N LYS B 67 1.04 -2.82 5.34
CA LYS B 67 1.38 -1.78 6.31
C LYS B 67 2.55 -0.93 5.81
N ILE B 68 2.49 0.36 6.09
CA ILE B 68 3.54 1.31 5.77
C ILE B 68 4.42 1.48 7.00
N TYR B 69 5.74 1.35 6.81
CA TYR B 69 6.66 1.35 7.94
C TYR B 69 7.55 2.57 8.03
N ALA B 70 7.89 3.20 6.90
CA ALA B 70 8.75 4.38 6.95
C ALA B 70 8.57 5.20 5.69
N MET B 71 8.94 6.48 5.78
CA MET B 71 8.97 7.38 4.63
C MET B 71 10.00 8.47 4.90
N HIS B 72 10.46 9.10 3.82
CA HIS B 72 11.45 10.16 3.92
C HIS B 72 11.21 11.19 2.83
N TRP B 73 11.44 12.46 3.17
CA TRP B 73 11.26 13.57 2.25
C TRP B 73 12.53 13.81 1.44
N GLY B 74 12.34 14.21 0.19
CA GLY B 74 13.47 14.61 -0.64
C GLY B 74 13.94 16.01 -0.31
N THR B 75 15.15 16.33 -0.79
CA THR B 75 15.72 17.65 -0.54
C THR B 75 14.91 18.76 -1.22
N ASP B 76 14.47 18.51 -2.45
CA ASP B 76 13.64 19.47 -3.17
C ASP B 76 12.25 19.61 -2.57
N SER B 77 11.86 18.73 -1.64
CA SER B 77 10.58 18.77 -0.95
C SER B 77 9.41 18.67 -1.94
N ARG B 78 9.58 17.79 -2.92
CA ARG B 78 8.50 17.47 -3.83
C ARG B 78 8.41 15.96 -4.04
N LEU B 79 9.54 15.27 -3.86
CA LEU B 79 9.61 13.82 -4.04
C LEU B 79 9.80 13.14 -2.70
N LEU B 80 9.22 11.96 -2.55
CA LEU B 80 9.34 11.21 -1.30
C LEU B 80 9.26 9.72 -1.58
N VAL B 81 9.93 8.94 -0.74
CA VAL B 81 10.00 7.49 -0.85
C VAL B 81 9.35 6.87 0.38
N SER B 82 8.58 5.81 0.18
CA SER B 82 7.90 5.11 1.27
C SER B 82 8.14 3.62 1.15
N ALA B 83 8.34 2.97 2.28
CA ALA B 83 8.62 1.54 2.34
C ALA B 83 7.49 0.80 3.03
N SER B 84 7.13 -0.36 2.50
CA SER B 84 5.99 -1.11 3.00
C SER B 84 6.32 -2.60 3.01
N GLN B 85 5.51 -3.35 3.76
CA GLN B 85 5.77 -4.76 4.02
C GLN B 85 5.38 -5.69 2.88
N ASP B 86 4.76 -5.17 1.82
CA ASP B 86 4.50 -6.01 0.66
C ASP B 86 5.70 -6.12 -0.27
N GLY B 87 6.88 -5.78 0.22
CA GLY B 87 8.09 -5.88 -0.59
C GLY B 87 8.14 -4.91 -1.76
N LYS B 88 7.74 -3.66 -1.53
CA LYS B 88 7.75 -2.65 -2.58
C LYS B 88 8.28 -1.34 -2.01
N LEU B 89 8.90 -0.55 -2.89
CA LEU B 89 9.51 0.73 -2.51
C LEU B 89 9.09 1.74 -3.58
N ILE B 90 8.21 2.66 -3.21
CA ILE B 90 7.55 3.54 -4.17
C ILE B 90 8.05 4.96 -3.98
N ILE B 91 8.32 5.65 -5.08
CA ILE B 91 8.72 7.05 -5.08
C ILE B 91 7.58 7.87 -5.67
N TRP B 92 7.13 8.87 -4.92
CA TRP B 92 5.93 9.63 -5.25
C TRP B 92 6.29 11.04 -5.72
N ASP B 93 5.39 11.62 -6.50
CA ASP B 93 5.40 13.04 -6.81
C ASP B 93 4.26 13.67 -6.00
N SER B 94 4.62 14.45 -4.99
CA SER B 94 3.63 14.93 -4.04
C SER B 94 2.75 16.04 -4.59
N TYR B 95 3.12 16.63 -5.74
CA TYR B 95 2.33 17.71 -6.29
C TYR B 95 1.19 17.19 -7.17
N THR B 96 1.37 16.04 -7.82
CA THR B 96 0.36 15.51 -8.71
C THR B 96 -0.03 14.06 -8.41
N THR B 97 0.47 13.47 -7.33
CA THR B 97 0.13 12.13 -6.85
C THR B 97 0.62 11.05 -7.81
N ASN B 98 1.39 11.41 -8.83
CA ASN B 98 1.91 10.44 -9.77
C ASN B 98 2.99 9.59 -9.12
N LYS B 99 3.21 8.41 -9.70
CA LYS B 99 4.26 7.49 -9.25
C LYS B 99 5.44 7.55 -10.20
N VAL B 100 6.62 7.81 -9.66
CA VAL B 100 7.82 7.91 -10.48
C VAL B 100 8.56 6.58 -10.58
N HIS B 101 8.70 5.87 -9.47
CA HIS B 101 9.44 4.62 -9.46
C HIS B 101 8.80 3.64 -8.46
N ALA B 102 8.96 2.35 -8.76
CA ALA B 102 8.52 1.28 -7.87
C ALA B 102 9.58 0.18 -7.90
N ILE B 103 10.27 -0.01 -6.79
CA ILE B 103 11.45 -0.87 -6.73
C ILE B 103 11.10 -2.13 -5.94
N PRO B 104 11.11 -3.30 -6.57
CA PRO B 104 10.94 -4.54 -5.80
C PRO B 104 12.16 -4.83 -4.95
N LEU B 105 11.94 -5.55 -3.86
CA LEU B 105 12.98 -5.86 -2.90
C LEU B 105 13.23 -7.36 -2.85
N ARG B 106 14.47 -7.73 -2.49
CA ARG B 106 14.81 -9.14 -2.34
C ARG B 106 14.23 -9.74 -1.07
N SER B 107 14.21 -8.98 0.01
CA SER B 107 13.63 -9.40 1.28
C SER B 107 12.40 -8.55 1.57
N SER B 108 11.26 -9.22 1.83
CA SER B 108 10.01 -8.51 2.02
C SER B 108 10.03 -7.65 3.27
N TRP B 109 10.60 -8.15 4.36
CA TRP B 109 10.54 -7.45 5.63
C TRP B 109 11.52 -6.29 5.63
N VAL B 110 11.00 -5.06 5.74
CA VAL B 110 11.79 -3.86 5.87
C VAL B 110 11.23 -3.03 7.00
N MET B 111 12.09 -2.20 7.59
CA MET B 111 11.70 -1.37 8.72
C MET B 111 12.12 0.08 8.59
N THR B 112 12.93 0.44 7.60
CA THR B 112 13.39 1.82 7.48
C THR B 112 13.79 2.07 6.02
N CYS B 113 13.84 3.35 5.66
CA CYS B 113 14.28 3.77 4.35
C CYS B 113 14.86 5.17 4.44
N ALA B 114 15.73 5.50 3.48
CA ALA B 114 16.39 6.79 3.44
C ALA B 114 16.48 7.27 2.00
N TYR B 115 16.63 8.57 1.83
CA TYR B 115 16.71 9.18 0.51
C TYR B 115 17.91 10.09 0.47
N ALA B 116 18.75 9.93 -0.54
CA ALA B 116 20.02 10.66 -0.60
C ALA B 116 19.77 12.16 -0.75
N PRO B 117 20.56 13.00 -0.06
CA PRO B 117 20.36 14.45 -0.20
C PRO B 117 20.56 14.98 -1.60
N SER B 118 21.45 14.36 -2.39
CA SER B 118 21.62 14.76 -3.78
C SER B 118 20.48 14.29 -4.67
N GLY B 119 19.83 13.18 -4.32
CA GLY B 119 18.74 12.64 -5.10
C GLY B 119 19.09 11.48 -6.00
N ASN B 120 20.27 10.89 -5.86
CA ASN B 120 20.72 9.82 -6.74
C ASN B 120 20.52 8.43 -6.16
N TYR B 121 20.39 8.30 -4.84
CA TYR B 121 20.39 7.00 -4.19
C TYR B 121 19.24 6.88 -3.20
N VAL B 122 18.79 5.64 -3.01
CA VAL B 122 17.77 5.31 -2.03
C VAL B 122 18.25 4.08 -1.26
N ALA B 123 18.15 4.13 0.06
CA ALA B 123 18.58 3.03 0.92
C ALA B 123 17.39 2.41 1.65
N CYS B 124 17.51 1.11 1.91
CA CYS B 124 16.47 0.38 2.63
C CYS B 124 17.11 -0.80 3.36
N GLY B 125 16.35 -1.40 4.27
CA GLY B 125 16.82 -2.56 4.99
C GLY B 125 16.12 -2.82 6.30
N GLY B 126 16.16 -4.07 6.76
CA GLY B 126 15.57 -4.43 8.04
C GLY B 126 15.30 -5.91 8.19
N LEU B 127 15.59 -6.45 9.38
CA LEU B 127 15.24 -7.80 9.78
C LEU B 127 16.02 -8.86 8.99
N ASP B 128 16.85 -8.42 8.05
CA ASP B 128 17.76 -9.31 7.33
C ASP B 128 19.22 -8.95 7.55
N ASN B 129 19.48 -7.94 8.38
CA ASN B 129 20.82 -7.51 8.76
C ASN B 129 21.64 -7.01 7.57
N ILE B 130 20.96 -6.57 6.50
CA ILE B 130 21.64 -6.12 5.28
C ILE B 130 21.04 -4.79 4.87
N CYS B 131 21.90 -3.81 4.61
CA CYS B 131 21.48 -2.51 4.08
C CYS B 131 21.82 -2.47 2.59
N SER B 132 20.82 -2.19 1.76
CA SER B 132 20.98 -2.18 0.32
C SER B 132 20.94 -0.74 -0.20
N ILE B 133 21.70 -0.50 -1.26
CA ILE B 133 21.81 0.81 -1.89
C ILE B 133 21.33 0.69 -3.32
N TYR B 134 20.44 1.58 -3.74
CA TYR B 134 19.86 1.57 -5.08
C TYR B 134 20.27 2.82 -5.83
N ASN B 135 20.57 2.65 -7.12
CA ASN B 135 20.96 3.75 -8.00
C ASN B 135 19.79 4.10 -8.91
N LEU B 136 19.40 5.37 -8.91
CA LEU B 136 18.21 5.80 -9.63
C LEU B 136 18.49 6.30 -11.04
N LYS B 137 19.71 6.76 -11.31
CA LYS B 137 20.05 7.42 -12.56
C LYS B 137 21.02 6.54 -13.35
N THR B 138 20.49 5.73 -14.26
CA THR B 138 21.28 4.84 -15.08
C THR B 138 20.94 5.02 -16.55
N ARG B 139 21.95 4.85 -17.40
CA ARG B 139 21.73 4.83 -18.84
C ARG B 139 20.88 3.63 -19.27
N GLU B 140 20.83 2.59 -18.44
CA GLU B 140 20.06 1.40 -18.78
C GLU B 140 18.57 1.65 -18.78
N GLY B 141 18.10 2.63 -18.02
CA GLY B 141 16.69 2.95 -17.94
C GLY B 141 15.93 2.26 -16.83
N ASN B 142 16.61 1.52 -15.96
CA ASN B 142 15.99 0.84 -14.84
C ASN B 142 16.63 1.31 -13.54
N VAL B 143 16.25 0.67 -12.43
CA VAL B 143 16.85 0.91 -11.13
C VAL B 143 17.50 -0.40 -10.69
N ARG B 144 18.79 -0.35 -10.38
CA ARG B 144 19.54 -1.52 -9.99
C ARG B 144 20.24 -1.27 -8.65
N VAL B 145 20.39 -2.34 -7.87
CA VAL B 145 21.07 -2.24 -6.60
C VAL B 145 22.56 -2.04 -6.84
N SER B 146 23.14 -1.04 -6.17
CA SER B 146 24.56 -0.75 -6.35
C SER B 146 25.42 -1.74 -5.56
N ARG B 147 25.17 -1.82 -4.24
CA ARG B 147 25.87 -2.80 -3.42
C ARG B 147 25.08 -3.04 -2.15
N GLU B 148 25.36 -4.18 -1.52
CA GLU B 148 24.70 -4.58 -0.28
C GLU B 148 25.71 -4.54 0.86
N LEU B 149 25.33 -3.92 1.97
CA LEU B 149 26.20 -3.81 3.13
C LEU B 149 25.91 -4.93 4.11
N ALA B 150 26.95 -5.63 4.54
CA ALA B 150 26.82 -6.74 5.47
C ALA B 150 27.83 -6.59 6.58
N GLY B 151 27.51 -7.19 7.73
CA GLY B 151 28.39 -7.11 8.88
C GLY B 151 27.66 -7.00 10.20
N HIS B 152 26.43 -6.47 10.18
CA HIS B 152 25.64 -6.38 11.39
C HIS B 152 25.10 -7.75 11.79
N THR B 153 24.83 -7.90 13.07
CA THR B 153 24.27 -9.14 13.62
C THR B 153 22.78 -9.04 13.92
N GLY B 154 22.32 -7.92 14.48
CA GLY B 154 20.92 -7.72 14.74
C GLY B 154 20.23 -6.94 13.62
N TYR B 155 18.90 -6.94 13.67
CA TYR B 155 18.10 -6.31 12.63
C TYR B 155 18.40 -4.82 12.54
N LEU B 156 18.29 -4.27 11.34
CA LEU B 156 18.52 -2.85 11.12
C LEU B 156 17.28 -2.05 11.50
N SER B 157 17.50 -0.91 12.14
CA SER B 157 16.40 -0.08 12.64
C SER B 157 16.37 1.33 12.08
N CYS B 158 17.49 1.85 11.56
CA CYS B 158 17.50 3.20 11.01
C CYS B 158 18.77 3.37 10.19
N CYS B 159 18.70 4.22 9.17
CA CYS B 159 19.84 4.54 8.34
C CYS B 159 19.66 5.95 7.79
N ARG B 160 20.77 6.68 7.68
CA ARG B 160 20.75 8.05 7.18
C ARG B 160 21.98 8.31 6.32
N PHE B 161 21.77 8.98 5.19
CA PHE B 161 22.85 9.31 4.27
C PHE B 161 23.61 10.53 4.80
N LEU B 162 24.83 10.30 5.27
CA LEU B 162 25.67 11.41 5.70
C LEU B 162 26.15 12.23 4.51
N ASP B 163 26.64 11.56 3.47
CA ASP B 163 27.05 12.20 2.23
C ASP B 163 26.64 11.27 1.09
N ASP B 164 27.17 11.53 -0.11
CA ASP B 164 26.91 10.64 -1.23
C ASP B 164 27.66 9.32 -1.14
N ASN B 165 28.68 9.23 -0.27
CA ASN B 165 29.52 8.04 -0.17
C ASN B 165 29.56 7.48 1.25
N GLN B 166 28.79 8.03 2.18
CA GLN B 166 28.80 7.60 3.57
C GLN B 166 27.39 7.40 4.05
N ILE B 167 27.22 6.43 4.96
CA ILE B 167 25.92 6.14 5.55
C ILE B 167 26.15 5.61 6.96
N VAL B 168 25.27 5.98 7.89
CA VAL B 168 25.32 5.54 9.28
C VAL B 168 24.04 4.77 9.58
N THR B 169 24.18 3.62 10.21
CA THR B 169 23.05 2.74 10.50
C THR B 169 23.04 2.35 11.97
N SER B 170 21.85 2.02 12.46
CA SER B 170 21.66 1.50 13.80
C SER B 170 21.01 0.12 13.71
N SER B 171 21.37 -0.75 14.64
CA SER B 171 20.96 -2.15 14.57
C SER B 171 20.43 -2.62 15.91
N GLY B 172 19.80 -3.79 15.88
CA GLY B 172 19.31 -4.47 17.06
C GLY B 172 20.34 -5.27 17.81
N ASP B 173 21.61 -5.17 17.41
CA ASP B 173 22.71 -5.83 18.11
C ASP B 173 23.37 -4.86 19.07
N THR B 174 22.70 -3.76 19.38
CA THR B 174 23.17 -2.75 20.34
C THR B 174 24.40 -2.00 19.84
N THR B 175 24.51 -1.87 18.51
CA THR B 175 25.65 -1.16 17.93
C THR B 175 25.34 -0.33 16.69
N CYS B 176 25.96 0.84 16.57
CA CYS B 176 25.81 1.69 15.40
C CYS B 176 27.15 1.74 14.67
N ALA B 177 27.10 1.69 13.35
CA ALA B 177 28.31 1.63 12.54
C ALA B 177 28.22 2.60 11.37
N LEU B 178 29.36 3.21 11.05
CA LEU B 178 29.50 4.04 9.86
C LEU B 178 30.15 3.21 8.75
N TRP B 179 29.76 3.48 7.51
CA TRP B 179 30.16 2.66 6.39
C TRP B 179 30.76 3.51 5.29
N ASP B 180 31.61 2.88 4.49
CA ASP B 180 32.16 3.47 3.28
C ASP B 180 31.52 2.76 2.09
N ILE B 181 30.69 3.47 1.35
CA ILE B 181 29.89 2.84 0.30
C ILE B 181 30.78 2.34 -0.83
N GLU B 182 31.84 3.10 -1.17
CA GLU B 182 32.70 2.71 -2.28
C GLU B 182 33.35 1.36 -2.04
N THR B 183 33.85 1.13 -0.83
CA THR B 183 34.51 -0.13 -0.50
C THR B 183 33.53 -1.15 0.07
N GLY B 184 32.85 -0.80 1.16
CA GLY B 184 31.89 -1.68 1.77
C GLY B 184 32.32 -2.23 3.12
N GLN B 185 33.14 -1.46 3.84
CA GLN B 185 33.67 -1.88 5.13
C GLN B 185 33.37 -0.82 6.17
N GLN B 186 33.12 -1.28 7.40
CA GLN B 186 32.85 -0.36 8.50
C GLN B 186 34.12 0.40 8.86
N THR B 187 34.04 1.73 8.85
CA THR B 187 35.19 2.56 9.20
C THR B 187 35.16 3.02 10.65
N THR B 188 34.01 2.94 11.33
CA THR B 188 33.89 3.33 12.72
C THR B 188 32.72 2.56 13.32
N THR B 189 32.90 2.12 14.57
CA THR B 189 31.86 1.40 15.28
C THR B 189 31.65 2.05 16.65
N PHE B 190 30.38 2.23 17.01
CA PHE B 190 30.01 2.87 18.27
C PHE B 190 29.33 1.84 19.16
N THR B 191 29.88 1.65 20.36
CA THR B 191 29.37 0.67 21.31
C THR B 191 29.15 1.34 22.66
N GLY B 192 28.27 0.74 23.47
CA GLY B 192 28.00 1.26 24.79
C GLY B 192 26.56 1.13 25.23
N HIS B 193 25.64 0.97 24.27
CA HIS B 193 24.23 0.78 24.61
C HIS B 193 24.00 -0.62 25.15
N THR B 194 23.31 -0.69 26.30
CA THR B 194 22.96 -1.98 26.87
C THR B 194 21.84 -2.65 26.10
N GLY B 195 20.83 -1.88 25.68
CA GLY B 195 19.69 -2.40 24.97
C GLY B 195 19.75 -2.15 23.48
N ASP B 196 18.62 -2.41 22.82
CA ASP B 196 18.54 -2.29 21.38
C ASP B 196 18.42 -0.83 20.96
N VAL B 197 19.12 -0.47 19.89
CA VAL B 197 19.04 0.87 19.33
C VAL B 197 17.91 0.90 18.31
N MET B 198 17.03 1.90 18.41
CA MET B 198 15.83 1.94 17.60
C MET B 198 15.75 3.11 16.62
N SER B 199 16.49 4.19 16.85
CA SER B 199 16.40 5.34 15.95
C SER B 199 17.65 6.19 16.08
N LEU B 200 17.84 7.07 15.09
CA LEU B 200 18.93 8.04 15.13
C LEU B 200 18.55 9.23 14.26
N SER B 201 19.24 10.35 14.49
CA SER B 201 19.04 11.56 13.72
C SER B 201 20.37 12.29 13.58
N LEU B 202 20.60 12.87 12.40
CA LEU B 202 21.84 13.55 12.09
C LEU B 202 21.71 15.04 12.38
N ALA B 203 22.78 15.64 12.87
CA ALA B 203 22.84 17.07 13.05
C ALA B 203 22.89 17.77 11.70
N PRO B 204 22.47 19.04 11.64
CA PRO B 204 22.52 19.76 10.35
C PRO B 204 23.91 19.88 9.77
N ASP B 205 24.95 19.93 10.59
CA ASP B 205 26.32 20.03 10.11
C ASP B 205 26.96 18.68 9.83
N THR B 206 26.25 17.58 10.08
CA THR B 206 26.74 16.22 9.85
C THR B 206 28.04 15.94 10.59
N ARG B 207 28.20 16.55 11.77
CA ARG B 207 29.35 16.27 12.62
C ARG B 207 28.99 15.60 13.93
N LEU B 208 27.70 15.45 14.23
CA LEU B 208 27.24 14.78 15.43
C LEU B 208 25.93 14.07 15.11
N PHE B 209 25.60 13.08 15.94
CA PHE B 209 24.29 12.43 15.83
C PHE B 209 23.95 11.80 17.17
N VAL B 210 22.66 11.53 17.36
CA VAL B 210 22.15 10.93 18.58
C VAL B 210 21.45 9.62 18.22
N SER B 211 21.13 8.84 19.25
CA SER B 211 20.46 7.57 19.07
C SER B 211 19.75 7.20 20.36
N GLY B 212 18.54 6.67 20.23
CA GLY B 212 17.74 6.26 21.36
C GLY B 212 17.67 4.74 21.44
N ALA B 213 17.94 4.21 22.63
CA ALA B 213 18.02 2.78 22.85
C ALA B 213 16.93 2.33 23.81
N CYS B 214 16.71 1.01 23.84
CA CYS B 214 15.64 0.42 24.64
C CYS B 214 15.87 0.57 26.14
N ASP B 215 17.07 0.93 26.58
CA ASP B 215 17.35 1.10 28.00
C ASP B 215 17.00 2.51 28.50
N ALA B 216 16.11 3.21 27.78
CA ALA B 216 15.60 4.52 28.19
C ALA B 216 16.71 5.57 28.32
N SER B 217 17.76 5.44 27.50
CA SER B 217 18.85 6.40 27.48
C SER B 217 19.20 6.75 26.04
N ALA B 218 19.64 7.99 25.84
CA ALA B 218 20.06 8.48 24.53
C ALA B 218 21.48 9.01 24.64
N LYS B 219 22.36 8.56 23.75
CA LYS B 219 23.76 8.94 23.77
C LYS B 219 24.08 9.85 22.59
N LEU B 220 24.84 10.91 22.87
CA LEU B 220 25.31 11.84 21.84
C LEU B 220 26.68 11.37 21.37
N TRP B 221 26.78 10.94 20.12
CA TRP B 221 28.01 10.40 19.59
C TRP B 221 28.83 11.49 18.91
N ASP B 222 29.97 11.11 18.35
CA ASP B 222 30.80 12.00 17.55
C ASP B 222 31.27 11.23 16.33
N VAL B 223 30.94 11.74 15.15
CA VAL B 223 31.19 10.99 13.91
C VAL B 223 32.68 10.81 13.67
N ARG B 224 33.46 11.86 13.88
CA ARG B 224 34.86 11.84 13.45
C ARG B 224 35.69 10.88 14.28
N GLU B 225 35.80 11.13 15.59
CA GLU B 225 36.67 10.32 16.43
C GLU B 225 35.99 9.04 16.93
N GLY B 226 34.67 8.91 16.77
CA GLY B 226 33.97 7.71 17.18
C GLY B 226 34.02 7.45 18.68
N MET B 227 33.81 8.49 19.47
CA MET B 227 33.81 8.38 20.93
C MET B 227 32.59 9.09 21.48
N CYS B 228 31.86 8.41 22.37
CA CYS B 228 30.66 9.00 22.96
C CYS B 228 31.04 10.18 23.85
N ARG B 229 30.16 11.18 23.87
CA ARG B 229 30.39 12.40 24.62
C ARG B 229 29.44 12.56 25.80
N GLN B 230 28.14 12.46 25.58
CA GLN B 230 27.15 12.74 26.62
C GLN B 230 26.08 11.67 26.61
N THR B 231 25.46 11.44 27.76
CA THR B 231 24.37 10.49 27.92
C THR B 231 23.23 11.16 28.66
N PHE B 232 22.00 10.95 28.17
CA PHE B 232 20.82 11.60 28.71
C PHE B 232 19.84 10.54 29.21
N THR B 233 19.27 10.79 30.39
CA THR B 233 18.27 9.90 30.97
C THR B 233 17.01 10.66 31.33
N GLY B 234 16.01 9.98 31.88
CA GLY B 234 14.79 10.64 32.29
C GLY B 234 13.53 9.85 31.97
N HIS B 235 13.64 8.91 31.04
CA HIS B 235 12.51 8.09 30.65
C HIS B 235 12.40 6.87 31.56
N GLU B 236 11.36 6.07 31.35
CA GLU B 236 11.18 4.83 32.10
C GLU B 236 10.86 3.64 31.22
N SER B 237 10.88 3.79 29.90
CA SER B 237 10.61 2.68 28.99
C SER B 237 11.39 2.85 27.69
N ASP B 238 11.00 2.08 26.67
CA ASP B 238 11.71 2.06 25.40
C ASP B 238 11.59 3.39 24.69
N ILE B 239 12.66 3.78 23.99
CA ILE B 239 12.68 4.99 23.18
C ILE B 239 12.49 4.58 21.72
N ASN B 240 11.49 5.17 21.06
CA ASN B 240 11.13 4.79 19.70
C ASN B 240 11.38 5.86 18.66
N ALA B 241 11.53 7.12 19.06
CA ALA B 241 11.70 8.21 18.11
C ALA B 241 12.65 9.25 18.67
N ILE B 242 13.29 10.00 17.78
CA ILE B 242 14.23 11.04 18.16
C ILE B 242 14.41 11.97 16.96
N CYS B 243 14.68 13.25 17.25
CA CYS B 243 14.93 14.23 16.20
C CYS B 243 15.57 15.46 16.80
N PHE B 244 16.37 16.15 15.99
CA PHE B 244 17.07 17.37 16.41
C PHE B 244 16.18 18.60 16.24
N PHE B 245 16.42 19.58 17.12
CA PHE B 245 15.89 20.92 16.90
C PHE B 245 16.61 21.56 15.72
N PRO B 246 15.94 22.43 14.96
CA PRO B 246 16.61 23.11 13.84
C PRO B 246 17.82 23.92 14.26
N ASN B 247 17.88 24.37 15.51
CA ASN B 247 19.05 25.12 15.98
C ASN B 247 20.30 24.25 16.01
N GLY B 248 20.15 22.96 16.28
CA GLY B 248 21.28 22.08 16.45
C GLY B 248 21.82 21.98 17.85
N ASN B 249 21.09 22.50 18.84
CA ASN B 249 21.52 22.47 20.23
C ASN B 249 20.52 21.78 21.14
N ALA B 250 19.49 21.14 20.58
CA ALA B 250 18.49 20.46 21.38
C ALA B 250 17.86 19.35 20.56
N PHE B 251 17.28 18.38 21.27
CA PHE B 251 16.58 17.29 20.60
C PHE B 251 15.45 16.81 21.50
N ALA B 252 14.43 16.24 20.88
CA ALA B 252 13.26 15.73 21.57
C ALA B 252 13.13 14.23 21.33
N THR B 253 12.78 13.49 22.38
CA THR B 253 12.66 12.05 22.32
C THR B 253 11.22 11.62 22.60
N GLY B 254 10.82 10.52 21.99
CA GLY B 254 9.53 9.94 22.25
C GLY B 254 9.65 8.50 22.72
N SER B 255 8.96 8.17 23.79
CA SER B 255 9.05 6.83 24.33
C SER B 255 7.71 6.12 24.36
N ASP B 256 7.68 4.97 25.00
CA ASP B 256 6.47 4.16 25.08
C ASP B 256 5.68 4.40 26.36
N ASP B 257 6.14 5.33 27.20
CA ASP B 257 5.44 5.66 28.44
C ASP B 257 4.49 6.85 28.24
N ALA B 258 4.02 7.05 27.02
CA ALA B 258 3.10 8.14 26.69
C ALA B 258 3.66 9.48 27.13
N THR B 259 4.93 9.71 26.82
CA THR B 259 5.62 10.92 27.24
C THR B 259 6.66 11.32 26.20
N CYS B 260 6.68 12.60 25.86
CA CYS B 260 7.74 13.20 25.06
C CYS B 260 8.55 14.14 25.92
N ARG B 261 9.87 14.15 25.73
CA ARG B 261 10.75 14.99 26.53
C ARG B 261 11.72 15.74 25.63
N LEU B 262 12.14 16.91 26.10
CA LEU B 262 13.09 17.75 25.40
C LEU B 262 14.40 17.82 26.19
N PHE B 263 15.52 17.74 25.48
CA PHE B 263 16.84 17.76 26.10
C PHE B 263 17.68 18.89 25.52
N ASP B 264 18.64 19.35 26.31
CA ASP B 264 19.57 20.39 25.91
C ASP B 264 20.99 19.84 25.93
N LEU B 265 21.79 20.23 24.94
CA LEU B 265 23.16 19.73 24.79
C LEU B 265 24.16 20.54 25.61
N ARG B 266 24.12 21.87 25.49
CA ARG B 266 25.09 22.71 26.17
C ARG B 266 24.94 22.59 27.69
N ALA B 267 23.71 22.56 28.19
CA ALA B 267 23.43 22.35 29.60
C ALA B 267 22.81 20.97 29.78
N ASP B 268 23.43 20.15 30.63
CA ASP B 268 23.02 18.77 30.82
C ASP B 268 21.85 18.71 31.81
N GLN B 269 20.68 19.08 31.31
CA GLN B 269 19.49 19.11 32.16
C GLN B 269 18.25 18.84 31.32
N GLU B 270 17.20 18.38 32.00
CA GLU B 270 15.89 18.21 31.42
C GLU B 270 15.21 19.56 31.24
N LEU B 271 14.41 19.67 30.18
CA LEU B 271 13.71 20.91 29.88
C LEU B 271 12.20 20.80 29.99
N MET B 272 11.58 19.86 29.27
CA MET B 272 10.13 19.83 29.20
C MET B 272 9.62 18.40 29.14
N THR B 273 8.34 18.25 29.49
CA THR B 273 7.62 16.98 29.40
C THR B 273 6.29 17.23 28.71
N TYR B 274 5.96 16.39 27.75
CA TYR B 274 4.72 16.51 26.96
C TYR B 274 3.85 15.30 27.27
N SER B 275 2.99 15.44 28.29
CA SER B 275 2.13 14.36 28.72
C SER B 275 0.74 14.90 29.02
N HIS B 276 -0.25 14.01 28.92
CA HIS B 276 -1.64 14.35 29.19
C HIS B 276 -2.32 13.13 29.78
N ASP B 277 -3.13 13.35 30.82
CA ASP B 277 -3.83 12.25 31.48
C ASP B 277 -4.85 11.59 30.57
N ASN B 278 -5.25 12.25 29.48
CA ASN B 278 -6.24 11.67 28.57
C ASN B 278 -5.63 10.65 27.61
N ILE B 279 -4.30 10.63 27.46
CA ILE B 279 -3.63 9.73 26.54
C ILE B 279 -2.62 8.89 27.31
N ILE B 280 -2.69 7.57 27.11
CA ILE B 280 -1.81 6.62 27.79
C ILE B 280 -1.18 5.67 26.79
N CYS B 281 -1.08 6.09 25.54
CA CYS B 281 -0.57 5.27 24.47
C CYS B 281 0.84 5.70 24.07
N GLY B 282 1.58 4.78 23.45
CA GLY B 282 2.95 5.05 23.08
C GLY B 282 3.10 5.93 21.86
N ILE B 283 4.27 6.54 21.75
CA ILE B 283 4.62 7.42 20.62
C ILE B 283 5.45 6.64 19.63
N THR B 284 5.12 6.77 18.35
CA THR B 284 5.85 6.10 17.29
C THR B 284 6.85 7.00 16.57
N SER B 285 6.48 8.24 16.26
CA SER B 285 7.36 9.14 15.52
C SER B 285 7.32 10.53 16.14
N VAL B 286 8.42 11.26 15.99
CA VAL B 286 8.55 12.63 16.47
C VAL B 286 9.22 13.46 15.39
N SER B 287 8.72 14.68 15.20
CA SER B 287 9.26 15.58 14.19
C SER B 287 9.06 17.02 14.64
N PHE B 288 9.84 17.92 14.07
CA PHE B 288 9.80 19.33 14.40
C PHE B 288 9.24 20.13 13.23
N SER B 289 9.23 21.45 13.39
CA SER B 289 8.75 22.37 12.37
C SER B 289 9.88 23.28 11.91
N LYS B 290 9.62 24.02 10.82
CA LYS B 290 10.66 24.84 10.21
C LYS B 290 11.17 25.91 11.18
N SER B 291 10.27 26.55 11.91
CA SER B 291 10.65 27.58 12.88
C SER B 291 10.91 27.03 14.27
N GLY B 292 10.69 25.73 14.49
CA GLY B 292 10.90 25.16 15.81
C GLY B 292 9.88 25.55 16.83
N ARG B 293 8.68 25.95 16.41
CA ARG B 293 7.66 26.42 17.35
C ARG B 293 6.74 25.29 17.82
N LEU B 294 6.27 24.46 16.91
CA LEU B 294 5.33 23.39 17.23
C LEU B 294 5.96 22.03 16.98
N LEU B 295 5.72 21.11 17.91
CA LEU B 295 6.27 19.76 17.87
C LEU B 295 5.17 18.77 17.53
N LEU B 296 5.45 17.89 16.56
CA LEU B 296 4.47 16.91 16.10
C LEU B 296 4.91 15.51 16.52
N ALA B 297 3.94 14.72 16.97
CA ALA B 297 4.22 13.36 17.43
C ALA B 297 3.05 12.45 17.07
N GLY B 298 3.34 11.31 16.47
CA GLY B 298 2.32 10.33 16.13
C GLY B 298 2.21 9.26 17.20
N TYR B 299 0.98 8.85 17.46
CA TYR B 299 0.68 7.87 18.49
C TYR B 299 0.07 6.62 17.85
N ASP B 300 -0.15 5.60 18.68
CA ASP B 300 -0.82 4.39 18.24
C ASP B 300 -2.30 4.37 18.63
N ASP B 301 -2.82 5.47 19.17
CA ASP B 301 -4.25 5.63 19.41
C ASP B 301 -5.00 6.10 18.17
N PHE B 302 -4.42 5.89 17.00
CA PHE B 302 -4.96 6.12 15.66
C PHE B 302 -4.86 7.60 15.26
N ASN B 303 -4.35 8.48 16.11
CA ASN B 303 -4.36 9.91 15.85
C ASN B 303 -2.98 10.51 16.07
N CYS B 304 -2.74 11.61 15.39
CA CYS B 304 -1.56 12.44 15.62
C CYS B 304 -1.92 13.61 16.52
N ASN B 305 -0.89 14.34 16.96
CA ASN B 305 -1.10 15.47 17.86
C ASN B 305 -0.03 16.52 17.61
N VAL B 306 -0.42 17.78 17.72
CA VAL B 306 0.47 18.92 17.51
C VAL B 306 0.63 19.63 18.84
N TRP B 307 1.87 19.67 19.34
CA TRP B 307 2.17 20.30 20.62
C TRP B 307 2.94 21.59 20.41
N ASP B 308 2.68 22.56 21.28
CA ASP B 308 3.51 23.76 21.32
C ASP B 308 4.79 23.46 22.07
N ALA B 309 5.93 23.67 21.41
CA ALA B 309 7.22 23.34 22.01
C ALA B 309 7.58 24.23 23.19
N LEU B 310 6.90 25.36 23.36
CA LEU B 310 7.24 26.31 24.42
C LEU B 310 6.28 26.30 25.59
N LYS B 311 5.05 25.80 25.42
CA LYS B 311 4.06 25.80 26.47
C LYS B 311 3.51 24.43 26.81
N ALA B 312 3.95 23.38 26.11
CA ALA B 312 3.55 22.01 26.41
C ALA B 312 2.03 21.84 26.42
N ASP B 313 1.37 22.49 25.47
CA ASP B 313 -0.08 22.44 25.36
C ASP B 313 -0.48 21.97 23.95
N ARG B 314 -1.57 21.21 23.89
CA ARG B 314 -2.07 20.72 22.61
C ARG B 314 -2.66 21.89 21.81
N ALA B 315 -1.94 22.33 20.79
CA ALA B 315 -2.42 23.39 19.92
C ALA B 315 -3.39 22.89 18.86
N GLY B 316 -3.55 21.58 18.73
CA GLY B 316 -4.45 21.04 17.73
C GLY B 316 -4.31 19.54 17.66
N VAL B 317 -5.16 18.95 16.82
CA VAL B 317 -5.18 17.50 16.60
C VAL B 317 -5.12 17.25 15.11
N LEU B 318 -4.91 15.98 14.75
CA LEU B 318 -4.79 15.57 13.35
C LEU B 318 -5.30 14.13 13.26
N ALA B 319 -6.57 14.00 12.89
CA ALA B 319 -7.26 12.71 12.91
C ALA B 319 -7.77 12.38 11.52
N GLY B 320 -7.08 11.46 10.83
CA GLY B 320 -7.57 11.01 9.54
C GLY B 320 -7.28 9.55 9.26
N HIS B 321 -6.76 8.82 10.23
CA HIS B 321 -6.37 7.43 10.06
C HIS B 321 -7.19 6.53 10.96
N ASP B 322 -7.49 5.33 10.47
CA ASP B 322 -8.23 4.34 11.24
C ASP B 322 -7.33 3.23 11.79
N ASN B 323 -6.02 3.37 11.65
CA ASN B 323 -5.06 2.41 12.20
C ASN B 323 -3.88 3.20 12.75
N ARG B 324 -2.89 2.48 13.26
CA ARG B 324 -1.76 3.11 13.94
C ARG B 324 -0.94 3.95 12.99
N VAL B 325 -0.50 5.12 13.46
CA VAL B 325 0.37 6.00 12.69
C VAL B 325 1.82 5.61 12.96
N SER B 326 2.57 5.34 11.89
CA SER B 326 3.90 4.76 12.02
C SER B 326 5.05 5.69 11.65
N CYS B 327 4.79 6.74 10.87
CA CYS B 327 5.89 7.59 10.39
C CYS B 327 5.39 9.00 10.12
N LEU B 328 6.30 9.96 10.28
CA LEU B 328 6.02 11.38 10.11
C LEU B 328 7.18 12.04 9.38
N GLY B 329 6.90 13.18 8.75
CA GLY B 329 7.92 13.93 8.05
C GLY B 329 7.52 15.34 7.68
N VAL B 330 8.45 16.29 7.80
CA VAL B 330 8.22 17.69 7.50
C VAL B 330 9.26 18.14 6.47
N THR B 331 8.81 18.85 5.45
CA THR B 331 9.67 19.27 4.35
C THR B 331 10.71 20.28 4.83
N ASP B 332 11.72 20.50 3.97
CA ASP B 332 12.78 21.44 4.31
C ASP B 332 12.29 22.88 4.32
N ASP B 333 11.36 23.24 3.44
CA ASP B 333 10.82 24.58 3.39
C ASP B 333 9.66 24.79 4.36
N GLY B 334 9.24 23.76 5.07
CA GLY B 334 8.19 23.89 6.05
C GLY B 334 6.79 24.05 5.49
N MET B 335 6.60 23.79 4.20
CA MET B 335 5.30 24.04 3.58
C MET B 335 4.24 23.05 4.05
N ALA B 336 4.58 21.76 4.06
CA ALA B 336 3.58 20.72 4.29
C ALA B 336 4.13 19.71 5.29
N VAL B 337 3.35 18.66 5.52
CA VAL B 337 3.71 17.58 6.44
C VAL B 337 3.01 16.31 5.97
N ALA B 338 3.71 15.18 6.06
CA ALA B 338 3.21 13.91 5.58
C ALA B 338 3.06 12.92 6.73
N THR B 339 2.06 12.05 6.61
CA THR B 339 1.75 11.07 7.64
C THR B 339 1.52 9.71 7.01
N GLY B 340 2.17 8.69 7.54
CA GLY B 340 1.98 7.33 7.09
C GLY B 340 1.46 6.46 8.23
N SER B 341 0.63 5.48 7.88
CA SER B 341 -0.05 4.67 8.88
C SER B 341 -0.12 3.22 8.43
N TRP B 342 -0.68 2.38 9.30
CA TRP B 342 -0.80 0.95 9.05
C TRP B 342 -1.99 0.59 8.18
N ASP B 343 -2.83 1.57 7.82
CA ASP B 343 -3.96 1.34 6.92
C ASP B 343 -3.57 1.45 5.46
N SER B 344 -2.26 1.51 5.17
CA SER B 344 -1.73 1.52 3.80
C SER B 344 -2.15 2.79 3.04
N PHE B 345 -2.17 3.93 3.74
CA PHE B 345 -2.52 5.19 3.12
C PHE B 345 -1.56 6.28 3.59
N LEU B 346 -1.17 7.15 2.67
CA LEU B 346 -0.33 8.29 2.95
C LEU B 346 -1.11 9.57 2.74
N LYS B 347 -1.02 10.51 3.67
CA LYS B 347 -1.75 11.76 3.62
C LYS B 347 -0.78 12.93 3.74
N ILE B 348 -1.10 14.02 3.02
CA ILE B 348 -0.33 15.25 3.09
C ILE B 348 -1.25 16.33 3.64
N TRP B 349 -0.82 16.96 4.73
CA TRP B 349 -1.65 17.91 5.46
C TRP B 349 -1.07 19.32 5.34
N ASN B 350 -1.96 20.30 5.32
CA ASN B 350 -1.56 21.69 5.24
C ASN B 350 -2.56 22.61 5.94
N THR C 6 37.87 -12.53 36.82
CA THR C 6 38.96 -11.66 36.42
C THR C 6 38.88 -11.33 34.93
N ALA C 7 37.69 -11.48 34.36
CA ALA C 7 37.46 -11.19 32.95
C ALA C 7 36.68 -9.91 32.71
N SER C 8 35.82 -9.51 33.65
CA SER C 8 35.07 -8.27 33.51
C SER C 8 35.84 -7.06 34.02
N ILE C 9 37.06 -7.25 34.52
CA ILE C 9 37.84 -6.13 35.06
C ILE C 9 38.17 -5.14 33.96
N ALA C 10 38.45 -5.62 32.75
CA ALA C 10 38.74 -4.72 31.64
C ALA C 10 37.53 -3.85 31.30
N GLN C 11 36.33 -4.47 31.24
CA GLN C 11 35.12 -3.70 30.97
C GLN C 11 34.85 -2.69 32.08
N ALA C 12 35.04 -3.11 33.33
CA ALA C 12 34.83 -2.18 34.45
C ALA C 12 35.80 -1.01 34.39
N ARG C 13 37.06 -1.28 34.08
CA ARG C 13 38.05 -0.21 33.99
C ARG C 13 37.73 0.73 32.83
N LYS C 14 37.29 0.18 31.70
CA LYS C 14 36.90 1.02 30.57
C LYS C 14 35.71 1.90 30.93
N LEU C 15 34.72 1.34 31.62
CA LEU C 15 33.56 2.12 32.03
C LEU C 15 33.96 3.22 33.02
N VAL C 16 34.85 2.91 33.95
CA VAL C 16 35.31 3.91 34.91
C VAL C 16 36.08 5.01 34.21
N GLU C 17 36.92 4.66 33.23
CA GLU C 17 37.63 5.68 32.47
C GLU C 17 36.66 6.55 31.69
N GLN C 18 35.61 5.94 31.11
CA GLN C 18 34.59 6.72 30.40
C GLN C 18 33.88 7.68 31.33
N LEU C 19 33.46 7.21 32.51
CA LEU C 19 32.74 8.08 33.44
C LEU C 19 33.66 9.12 34.08
N LYS C 20 34.97 8.89 34.07
CA LYS C 20 35.92 9.86 34.58
C LYS C 20 36.22 10.96 33.57
N MET C 21 35.88 10.76 32.30
CA MET C 21 36.08 11.75 31.25
C MET C 21 34.86 12.62 31.00
N GLU C 22 33.65 12.07 31.16
CA GLU C 22 32.43 12.82 30.88
C GLU C 22 32.24 13.99 31.83
N ALA C 23 32.90 13.98 33.00
CA ALA C 23 32.76 15.07 33.96
C ALA C 23 33.64 16.27 33.63
N ASN C 24 34.60 16.12 32.73
CA ASN C 24 35.53 17.20 32.39
C ASN C 24 35.03 17.98 31.17
N ILE C 25 33.81 18.52 31.29
CA ILE C 25 33.17 19.26 30.21
C ILE C 25 32.61 20.56 30.76
N ASP C 26 32.35 21.50 29.85
CA ASP C 26 31.82 22.79 30.21
C ASP C 26 30.30 22.77 30.23
N ARG C 27 29.72 23.59 31.11
CA ARG C 27 28.29 23.69 31.29
C ARG C 27 27.88 25.16 31.27
N ILE C 28 26.58 25.39 31.08
CA ILE C 28 26.00 26.72 31.14
C ILE C 28 24.77 26.67 32.04
N LYS C 29 24.09 27.82 32.16
CA LYS C 29 22.89 27.92 32.97
C LYS C 29 21.66 27.63 32.12
N VAL C 30 20.66 27.00 32.76
CA VAL C 30 19.46 26.58 32.05
C VAL C 30 18.69 27.78 31.54
N SER C 31 18.66 28.87 32.32
CA SER C 31 17.89 30.04 31.92
C SER C 31 18.44 30.65 30.64
N LYS C 32 19.77 30.73 30.51
CA LYS C 32 20.36 31.30 29.30
C LYS C 32 20.01 30.46 28.08
N ALA C 33 20.09 29.14 28.21
CA ALA C 33 19.75 28.26 27.09
C ALA C 33 18.28 28.40 26.71
N ALA C 34 17.41 28.48 27.72
CA ALA C 34 15.98 28.65 27.45
C ALA C 34 15.72 29.97 26.74
N ALA C 35 16.38 31.04 27.18
CA ALA C 35 16.21 32.34 26.55
C ALA C 35 16.72 32.33 25.11
N ASP C 36 17.85 31.67 24.85
CA ASP C 36 18.36 31.58 23.48
C ASP C 36 17.41 30.78 22.59
N LEU C 37 16.84 29.70 23.13
CA LEU C 37 15.89 28.89 22.37
C LEU C 37 14.65 29.71 22.02
N MET C 38 14.13 30.46 23.00
CA MET C 38 12.98 31.32 22.75
C MET C 38 13.31 32.41 21.74
N ALA C 39 14.53 32.94 21.81
CA ALA C 39 14.95 33.96 20.86
C ALA C 39 14.98 33.41 19.44
N TYR C 40 15.50 32.19 19.27
CA TYR C 40 15.50 31.56 17.94
C TYR C 40 14.08 31.37 17.44
N CYS C 41 13.20 30.84 18.29
CA CYS C 41 11.82 30.61 17.88
C CYS C 41 11.13 31.91 17.50
N GLU C 42 11.39 32.99 18.25
CA GLU C 42 10.80 34.28 17.93
C GLU C 42 11.34 34.84 16.63
N ALA C 43 12.66 34.78 16.44
CA ALA C 43 13.29 35.41 15.29
C ALA C 43 13.06 34.66 13.99
N HIS C 44 12.70 33.37 14.05
CA HIS C 44 12.37 32.63 12.85
C HIS C 44 10.88 32.39 12.68
N ALA C 45 10.04 33.08 13.46
CA ALA C 45 8.61 32.82 13.43
C ALA C 45 7.90 33.47 12.26
N LYS C 46 8.53 34.41 11.57
CA LYS C 46 7.85 35.16 10.52
C LYS C 46 7.53 34.29 9.32
N GLU C 47 8.48 33.47 8.87
CA GLU C 47 8.39 32.76 7.61
C GLU C 47 8.12 31.26 7.79
N ASP C 48 7.29 30.91 8.78
CA ASP C 48 6.89 29.53 8.97
C ASP C 48 5.50 29.31 8.39
N PRO C 49 5.37 28.57 7.29
CA PRO C 49 4.04 28.40 6.68
C PRO C 49 3.02 27.72 7.59
N LEU C 50 3.47 26.85 8.50
CA LEU C 50 2.54 26.15 9.37
C LEU C 50 2.00 27.08 10.46
N LEU C 51 2.86 27.94 11.00
CA LEU C 51 2.42 28.89 12.02
C LEU C 51 1.43 29.91 11.43
N THR C 52 1.80 30.52 10.32
CA THR C 52 1.00 31.59 9.71
C THR C 52 0.35 31.07 8.44
N PRO C 53 -0.98 30.95 8.41
CA PRO C 53 -1.64 30.52 7.16
C PRO C 53 -1.35 31.48 6.02
N VAL C 54 -1.15 30.92 4.83
CA VAL C 54 -0.81 31.71 3.65
C VAL C 54 -1.97 31.67 2.68
N PRO C 55 -2.16 32.71 1.86
CA PRO C 55 -3.23 32.68 0.85
C PRO C 55 -2.95 31.62 -0.20
N ALA C 56 -3.99 31.34 -0.98
CA ALA C 56 -3.94 30.26 -1.96
C ALA C 56 -3.05 30.57 -3.16
N SER C 57 -2.58 31.81 -3.29
CA SER C 57 -1.74 32.16 -4.44
C SER C 57 -0.41 31.42 -4.43
N GLU C 58 0.22 31.31 -3.26
CA GLU C 58 1.54 30.71 -3.13
C GLU C 58 1.50 29.30 -2.57
N ASN C 59 0.31 28.71 -2.47
CA ASN C 59 0.17 27.35 -1.96
C ASN C 59 0.17 26.37 -3.11
N PRO C 60 1.13 25.43 -3.19
CA PRO C 60 1.09 24.41 -4.24
C PRO C 60 0.26 23.19 -3.89
N PHE C 61 -0.14 23.02 -2.63
CA PHE C 61 -0.88 21.86 -2.19
C PHE C 61 -2.38 22.12 -2.09
N ARG C 62 -2.86 23.24 -2.60
CA ARG C 62 -4.28 23.56 -2.53
C ARG C 62 -5.10 22.54 -3.30
N GLU C 63 -6.15 22.03 -2.66
CA GLU C 63 -7.00 21.03 -3.28
C GLU C 63 -7.80 21.64 -4.43
N LYS C 64 -7.83 20.96 -5.57
CA LYS C 64 -8.51 21.44 -6.75
C LYS C 64 -9.92 20.86 -6.84
N LYS C 65 -10.65 21.26 -7.88
CA LYS C 65 -12.02 20.79 -8.08
C LYS C 65 -12.04 19.28 -8.34
N PHE C 66 -11.13 18.80 -9.17
CA PHE C 66 -11.10 17.38 -9.53
C PHE C 66 -10.14 16.60 -8.63
N SER D 36 -59.48 -1.00 7.92
CA SER D 36 -58.77 -2.07 7.24
C SER D 36 -57.97 -1.51 6.06
N ASN D 37 -58.65 -0.85 5.13
CA ASN D 37 -57.97 -0.24 4.00
C ASN D 37 -57.01 0.85 4.47
N ALA D 38 -57.44 1.69 5.40
CA ALA D 38 -56.53 2.67 5.99
C ALA D 38 -55.40 1.98 6.75
N VAL D 39 -55.69 0.86 7.41
CA VAL D 39 -54.66 0.08 8.07
C VAL D 39 -53.66 -0.46 7.05
N LEU D 40 -54.16 -0.92 5.89
CA LEU D 40 -53.28 -1.41 4.84
C LEU D 40 -52.38 -0.29 4.32
N THR D 41 -52.94 0.91 4.13
CA THR D 41 -52.13 2.04 3.68
C THR D 41 -51.07 2.41 4.71
N PHE D 42 -51.45 2.38 6.00
CA PHE D 42 -50.49 2.67 7.06
C PHE D 42 -49.37 1.63 7.09
N ILE D 43 -49.71 0.36 6.85
CA ILE D 43 -48.70 -0.69 6.79
C ILE D 43 -47.76 -0.43 5.61
N TYR D 44 -48.33 -0.05 4.46
CA TYR D 44 -47.50 0.36 3.32
C TYR D 44 -46.51 1.44 3.72
N PHE D 45 -47.00 2.49 4.36
CA PHE D 45 -46.14 3.63 4.70
C PHE D 45 -45.06 3.22 5.69
N VAL D 46 -45.41 2.41 6.70
CA VAL D 46 -44.43 2.06 7.72
C VAL D 46 -43.37 1.12 7.13
N VAL D 47 -43.77 0.18 6.28
CA VAL D 47 -42.77 -0.70 5.68
C VAL D 47 -41.88 0.08 4.72
N CYS D 48 -42.45 1.07 4.02
CA CYS D 48 -41.62 1.93 3.17
C CYS D 48 -40.58 2.67 4.00
N ILE D 49 -41.00 3.25 5.13
CA ILE D 49 -40.09 4.00 5.97
C ILE D 49 -38.99 3.08 6.50
N ILE D 50 -39.37 1.89 6.97
CA ILE D 50 -38.40 0.95 7.53
C ILE D 50 -37.38 0.54 6.47
N GLY D 51 -37.87 0.16 5.28
CA GLY D 51 -36.98 -0.25 4.23
C GLY D 51 -36.03 0.87 3.81
N LEU D 52 -36.58 2.08 3.64
CA LEU D 52 -35.76 3.22 3.25
C LEU D 52 -34.66 3.48 4.28
N CYS D 53 -35.04 3.54 5.56
CA CYS D 53 -34.06 3.86 6.59
C CYS D 53 -32.97 2.79 6.67
N GLY D 54 -33.37 1.51 6.69
CA GLY D 54 -32.40 0.45 6.79
C GLY D 54 -31.46 0.39 5.61
N ASN D 55 -32.01 0.46 4.39
CA ASN D 55 -31.18 0.38 3.20
C ASN D 55 -30.25 1.58 3.10
N THR D 56 -30.75 2.78 3.42
CA THR D 56 -29.89 3.96 3.41
C THR D 56 -28.77 3.84 4.43
N LEU D 57 -29.08 3.33 5.62
CA LEU D 57 -28.05 3.15 6.64
C LEU D 57 -26.97 2.18 6.15
N VAL D 58 -27.38 1.07 5.56
CA VAL D 58 -26.42 0.08 5.09
C VAL D 58 -25.54 0.65 3.98
N ILE D 59 -26.17 1.32 3.01
CA ILE D 59 -25.41 1.89 1.89
C ILE D 59 -24.43 2.94 2.38
N TYR D 60 -24.90 3.82 3.29
CA TYR D 60 -24.03 4.85 3.82
C TYR D 60 -22.85 4.25 4.57
N VAL D 61 -23.11 3.23 5.40
CA VAL D 61 -22.02 2.62 6.17
C VAL D 61 -21.01 2.00 5.22
N ILE D 62 -21.48 1.24 4.22
CA ILE D 62 -20.56 0.57 3.31
C ILE D 62 -19.70 1.58 2.57
N LEU D 63 -20.34 2.61 1.97
CA LEU D 63 -19.57 3.58 1.19
C LEU D 63 -18.61 4.37 2.07
N ARG D 64 -19.06 4.82 3.25
CA ARG D 64 -18.24 5.70 4.06
C ARG D 64 -17.06 4.96 4.68
N TYR D 65 -17.26 3.72 5.11
CA TYR D 65 -16.24 3.01 5.88
C TYR D 65 -15.51 1.94 5.06
N ALA D 66 -16.23 1.06 4.39
CA ALA D 66 -15.59 -0.12 3.78
C ALA D 66 -14.77 0.26 2.56
N LYS D 67 -15.43 0.82 1.53
CA LYS D 67 -14.79 1.15 0.26
C LYS D 67 -14.17 -0.11 -0.37
N MET D 68 -15.05 -1.05 -0.75
CA MET D 68 -14.65 -2.24 -1.51
C MET D 68 -13.62 -3.07 -0.76
N LYS D 69 -13.92 -3.36 0.51
CA LYS D 69 -13.02 -4.21 1.29
C LYS D 69 -12.98 -5.63 0.75
N THR D 70 -14.13 -6.17 0.37
CA THR D 70 -14.23 -7.55 -0.10
C THR D 70 -15.40 -7.65 -1.06
N ILE D 71 -15.35 -8.65 -1.94
CA ILE D 71 -16.39 -8.86 -2.94
C ILE D 71 -17.75 -9.08 -2.27
N THR D 72 -17.76 -9.61 -1.05
CA THR D 72 -19.01 -9.77 -0.31
C THR D 72 -19.68 -8.42 -0.10
N ASN D 73 -18.91 -7.40 0.28
CA ASN D 73 -19.47 -6.07 0.44
C ASN D 73 -19.95 -5.51 -0.89
N ILE D 74 -19.28 -5.88 -1.99
CA ILE D 74 -19.74 -5.44 -3.31
C ILE D 74 -21.12 -6.01 -3.61
N TYR D 75 -21.30 -7.30 -3.36
CA TYR D 75 -22.62 -7.91 -3.58
C TYR D 75 -23.66 -7.34 -2.64
N ILE D 76 -23.29 -7.07 -1.39
CA ILE D 76 -24.24 -6.50 -0.44
C ILE D 76 -24.68 -5.11 -0.89
N LEU D 77 -23.73 -4.30 -1.38
CA LEU D 77 -24.08 -2.99 -1.92
C LEU D 77 -24.99 -3.12 -3.13
N ASN D 78 -24.71 -4.08 -4.00
CA ASN D 78 -25.57 -4.31 -5.15
C ASN D 78 -27.00 -4.65 -4.72
N LEU D 79 -27.14 -5.52 -3.71
CA LEU D 79 -28.46 -5.88 -3.23
C LEU D 79 -29.16 -4.69 -2.58
N ALA D 80 -28.42 -3.89 -1.81
CA ALA D 80 -29.03 -2.77 -1.11
C ALA D 80 -29.49 -1.69 -2.09
N ILE D 81 -28.72 -1.45 -3.15
CA ILE D 81 -29.15 -0.47 -4.14
C ILE D 81 -30.48 -0.86 -4.76
N ALA D 82 -30.62 -2.15 -5.12
CA ALA D 82 -31.88 -2.62 -5.70
C ALA D 82 -33.02 -2.55 -4.69
N ASP D 83 -32.77 -2.94 -3.43
CA ASP D 83 -33.82 -2.94 -2.43
C ASP D 83 -34.30 -1.52 -2.11
N GLU D 84 -33.39 -0.54 -2.18
CA GLU D 84 -33.78 0.83 -1.88
C GLU D 84 -34.81 1.34 -2.88
N LEU D 85 -34.66 0.98 -4.16
CA LEU D 85 -35.53 1.52 -5.19
C LEU D 85 -36.94 0.93 -5.11
N PHE D 86 -37.09 -0.23 -4.47
CA PHE D 86 -38.43 -0.75 -4.19
C PHE D 86 -39.25 0.23 -3.38
N MET D 87 -38.67 0.79 -2.31
CA MET D 87 -39.46 1.54 -1.35
C MET D 87 -40.01 2.83 -1.94
N LEU D 88 -39.40 3.30 -3.03
CA LEU D 88 -39.91 4.52 -3.67
C LEU D 88 -41.16 4.25 -4.49
N GLY D 89 -41.28 3.04 -5.05
CA GLY D 89 -42.43 2.76 -5.91
C GLY D 89 -43.72 2.60 -5.16
N LEU D 90 -43.67 2.01 -3.95
CA LEU D 90 -44.89 1.69 -3.21
C LEU D 90 -45.77 2.90 -2.92
N PRO D 91 -45.25 4.09 -2.54
CA PRO D 91 -46.16 5.23 -2.35
C PRO D 91 -46.99 5.56 -3.59
N PHE D 92 -46.43 5.34 -4.79
CA PHE D 92 -47.23 5.46 -5.99
C PHE D 92 -48.29 4.36 -6.08
N LEU D 93 -47.97 3.17 -5.54
CA LEU D 93 -48.94 2.09 -5.52
C LEU D 93 -50.07 2.38 -4.54
N ALA D 94 -49.83 3.24 -3.57
CA ALA D 94 -50.84 3.60 -2.58
C ALA D 94 -52.03 4.26 -3.26
N MET D 95 -51.77 5.10 -4.26
CA MET D 95 -52.85 5.74 -5.00
C MET D 95 -53.73 4.70 -5.69
N GLN D 96 -53.14 3.59 -6.13
CA GLN D 96 -53.94 2.48 -6.63
C GLN D 96 -54.70 1.81 -5.50
N VAL D 97 -54.08 1.67 -4.33
CA VAL D 97 -54.72 0.99 -3.20
C VAL D 97 -55.92 1.80 -2.69
N ALA D 98 -55.73 3.09 -2.46
CA ALA D 98 -56.78 3.97 -1.97
C ALA D 98 -56.95 5.12 -2.94
N LEU D 99 -58.21 5.55 -3.15
CA LEU D 99 -58.54 6.47 -4.23
C LEU D 99 -58.13 5.86 -5.55
N VAL D 100 -58.80 4.76 -5.93
CA VAL D 100 -58.31 3.85 -6.97
C VAL D 100 -58.14 4.56 -8.31
N HIS D 101 -58.78 5.71 -8.50
CA HIS D 101 -58.62 6.44 -9.75
C HIS D 101 -57.16 6.85 -9.95
N TRP D 102 -56.68 6.72 -11.18
CA TRP D 102 -55.29 6.96 -11.51
C TRP D 102 -55.17 8.24 -12.34
N PRO D 103 -54.81 9.37 -11.73
CA PRO D 103 -54.71 10.63 -12.48
C PRO D 103 -53.31 10.89 -13.02
N PHE D 104 -52.39 9.97 -12.74
CA PHE D 104 -51.00 10.18 -13.13
C PHE D 104 -50.83 10.10 -14.65
N GLY D 105 -51.60 9.24 -15.29
CA GLY D 105 -51.54 9.08 -16.74
C GLY D 105 -50.99 7.73 -17.14
N LYS D 106 -50.41 7.70 -18.34
CA LYS D 106 -49.82 6.47 -18.87
C LYS D 106 -48.31 6.43 -18.64
N ALA D 107 -47.63 7.56 -18.82
CA ALA D 107 -46.18 7.57 -18.68
C ALA D 107 -45.75 7.18 -17.26
N ILE D 108 -46.42 7.74 -16.26
CA ILE D 108 -46.03 7.47 -14.88
C ILE D 108 -46.25 6.01 -14.53
N CYS D 109 -47.41 5.46 -14.92
CA CYS D 109 -47.71 4.07 -14.58
C CYS D 109 -46.78 3.10 -15.30
N ARG D 110 -46.50 3.37 -16.58
CA ARG D 110 -45.57 2.50 -17.30
C ARG D 110 -44.18 2.58 -16.69
N VAL D 111 -43.73 3.78 -16.30
CA VAL D 111 -42.42 3.93 -15.68
C VAL D 111 -42.36 3.17 -14.36
N VAL D 112 -43.39 3.28 -13.53
CA VAL D 112 -43.34 2.63 -12.21
C VAL D 112 -43.38 1.12 -12.37
N MET D 113 -44.18 0.61 -13.32
CA MET D 113 -44.18 -0.83 -13.56
C MET D 113 -42.82 -1.31 -14.05
N THR D 114 -42.20 -0.56 -14.97
CA THR D 114 -40.89 -0.96 -15.48
C THR D 114 -39.86 -1.01 -14.37
N VAL D 115 -39.80 0.04 -13.53
CA VAL D 115 -38.78 0.08 -12.49
C VAL D 115 -39.04 -0.99 -11.44
N ASP D 116 -40.31 -1.24 -11.11
CA ASP D 116 -40.61 -2.30 -10.17
C ASP D 116 -40.15 -3.66 -10.69
N GLY D 117 -40.46 -3.96 -11.96
CA GLY D 117 -40.05 -5.24 -12.52
C GLY D 117 -38.55 -5.40 -12.60
N ILE D 118 -37.85 -4.35 -13.04
CA ILE D 118 -36.40 -4.43 -13.17
C ILE D 118 -35.75 -4.63 -11.81
N ASN D 119 -36.22 -3.91 -10.78
CA ASN D 119 -35.65 -4.06 -9.45
C ASN D 119 -35.95 -5.43 -8.88
N GLN D 120 -37.17 -5.93 -9.10
CA GLN D 120 -37.53 -7.26 -8.64
C GLN D 120 -36.58 -8.33 -9.19
N PHE D 121 -36.41 -8.33 -10.51
CA PHE D 121 -35.59 -9.38 -11.12
C PHE D 121 -34.12 -9.21 -10.76
N THR D 122 -33.63 -7.97 -10.65
CA THR D 122 -32.23 -7.80 -10.31
C THR D 122 -31.96 -8.21 -8.86
N SER D 123 -32.94 -8.00 -7.96
CA SER D 123 -32.77 -8.45 -6.58
C SER D 123 -32.72 -9.98 -6.51
N ILE D 124 -33.61 -10.64 -7.24
CA ILE D 124 -33.59 -12.11 -7.24
C ILE D 124 -32.26 -12.63 -7.79
N PHE D 125 -31.81 -12.03 -8.89
CA PHE D 125 -30.57 -12.51 -9.52
C PHE D 125 -29.36 -12.23 -8.63
N CYS D 126 -29.37 -11.11 -7.90
CA CYS D 126 -28.29 -10.84 -6.96
C CYS D 126 -28.25 -11.87 -5.84
N LEU D 127 -29.43 -12.26 -5.34
CA LEU D 127 -29.46 -13.32 -4.33
C LEU D 127 -28.86 -14.62 -4.87
N THR D 128 -29.25 -15.00 -6.08
CA THR D 128 -28.69 -16.22 -6.68
C THR D 128 -27.18 -16.13 -6.84
N VAL D 129 -26.69 -14.97 -7.31
CA VAL D 129 -25.26 -14.80 -7.54
C VAL D 129 -24.50 -14.85 -6.22
N MET D 130 -25.06 -14.29 -5.16
CA MET D 130 -24.43 -14.38 -3.85
C MET D 130 -24.32 -15.83 -3.40
N SER D 131 -25.38 -16.61 -3.59
CA SER D 131 -25.32 -18.02 -3.21
C SER D 131 -24.25 -18.77 -4.00
N ILE D 132 -24.19 -18.52 -5.31
CA ILE D 132 -23.17 -19.19 -6.14
C ILE D 132 -21.76 -18.78 -5.70
N ASP D 133 -21.57 -17.50 -5.37
CA ASP D 133 -20.27 -17.04 -4.93
C ASP D 133 -19.86 -17.70 -3.62
N ARG D 134 -20.79 -17.83 -2.68
CA ARG D 134 -20.46 -18.50 -1.42
C ARG D 134 -20.09 -19.96 -1.65
N TYR D 135 -20.85 -20.64 -2.53
CA TYR D 135 -20.54 -22.03 -2.81
C TYR D 135 -19.16 -22.18 -3.44
N LEU D 136 -18.82 -21.30 -4.39
CA LEU D 136 -17.51 -21.36 -5.01
C LEU D 136 -16.40 -21.05 -4.01
N ALA D 137 -16.65 -20.09 -3.11
CA ALA D 137 -15.65 -19.73 -2.11
C ALA D 137 -15.36 -20.89 -1.17
N VAL D 138 -16.40 -21.59 -0.72
CA VAL D 138 -16.20 -22.60 0.30
C VAL D 138 -15.80 -23.94 -0.31
N VAL D 139 -16.63 -24.48 -1.21
CA VAL D 139 -16.48 -25.89 -1.60
C VAL D 139 -15.24 -26.08 -2.47
N HIS D 140 -14.99 -25.16 -3.40
CA HIS D 140 -13.84 -25.24 -4.31
C HIS D 140 -12.92 -24.05 -4.08
N PRO D 141 -12.16 -24.06 -2.97
CA PRO D 141 -11.31 -22.89 -2.69
C PRO D 141 -10.00 -22.88 -3.44
N ILE D 142 -9.42 -24.05 -3.69
CA ILE D 142 -8.08 -24.10 -4.29
C ILE D 142 -8.10 -23.68 -5.74
N LYS D 143 -9.13 -24.10 -6.50
CA LYS D 143 -9.14 -23.90 -7.94
C LYS D 143 -10.02 -22.73 -8.39
N SER D 144 -11.30 -22.77 -8.06
CA SER D 144 -12.24 -21.81 -8.65
C SER D 144 -12.11 -20.43 -8.00
N ALA D 145 -11.76 -20.38 -6.71
CA ALA D 145 -11.71 -19.10 -6.01
C ALA D 145 -10.60 -18.21 -6.58
N LYS D 146 -9.60 -18.80 -7.22
CA LYS D 146 -8.51 -18.01 -7.80
C LYS D 146 -9.03 -17.13 -8.93
N TRP D 147 -9.85 -17.69 -9.81
CA TRP D 147 -10.27 -16.96 -11.01
C TRP D 147 -11.32 -15.89 -10.68
N ARG D 148 -12.27 -16.22 -9.80
CA ARG D 148 -13.43 -15.35 -9.62
C ARG D 148 -13.09 -14.09 -8.83
N ARG D 149 -12.11 -14.18 -7.92
CA ARG D 149 -11.90 -13.11 -6.95
C ARG D 149 -11.59 -11.73 -7.53
N PRO D 150 -10.60 -11.55 -8.43
CA PRO D 150 -10.07 -10.20 -8.66
C PRO D 150 -11.07 -9.15 -9.12
N ARG D 151 -11.65 -9.33 -10.31
CA ARG D 151 -12.49 -8.29 -10.88
C ARG D 151 -13.71 -8.80 -11.63
N THR D 152 -14.00 -10.10 -11.61
CA THR D 152 -15.15 -10.60 -12.37
C THR D 152 -16.47 -10.13 -11.78
N ALA D 153 -16.46 -9.60 -10.56
CA ALA D 153 -17.70 -9.19 -9.91
C ALA D 153 -18.41 -8.07 -10.68
N LYS D 154 -17.64 -7.09 -11.15
CA LYS D 154 -18.25 -5.98 -11.89
C LYS D 154 -18.88 -6.48 -13.20
N MET D 155 -18.18 -7.37 -13.90
CA MET D 155 -18.74 -7.95 -15.11
C MET D 155 -20.02 -8.73 -14.81
N ILE D 156 -20.03 -9.47 -13.71
CA ILE D 156 -21.23 -10.22 -13.33
C ILE D 156 -22.38 -9.27 -13.03
N THR D 157 -22.09 -8.15 -12.37
CA THR D 157 -23.13 -7.15 -12.09
C THR D 157 -23.70 -6.56 -13.37
N MET D 158 -22.84 -6.20 -14.32
CA MET D 158 -23.31 -5.70 -15.60
C MET D 158 -24.16 -6.74 -16.32
N ALA D 159 -23.72 -8.00 -16.30
CA ALA D 159 -24.48 -9.06 -16.97
C ALA D 159 -25.84 -9.27 -16.31
N VAL D 160 -25.88 -9.20 -14.98
CA VAL D 160 -27.14 -9.38 -14.26
C VAL D 160 -28.13 -8.26 -14.63
N TRP D 161 -27.66 -7.02 -14.61
CA TRP D 161 -28.54 -5.91 -14.99
C TRP D 161 -29.01 -6.06 -16.43
N GLY D 162 -28.11 -6.46 -17.32
CA GLY D 162 -28.49 -6.61 -18.72
C GLY D 162 -29.52 -7.70 -18.95
N VAL D 163 -29.33 -8.87 -18.32
CA VAL D 163 -30.29 -9.95 -18.50
C VAL D 163 -31.62 -9.60 -17.85
N SER D 164 -31.58 -8.88 -16.73
CA SER D 164 -32.82 -8.41 -16.12
C SER D 164 -33.59 -7.49 -17.06
N LEU D 165 -32.90 -6.54 -17.69
CA LEU D 165 -33.56 -5.69 -18.67
C LEU D 165 -34.10 -6.51 -19.83
N LEU D 166 -33.29 -7.43 -20.35
CA LEU D 166 -33.67 -8.22 -21.52
C LEU D 166 -34.88 -9.09 -21.23
N VAL D 167 -35.05 -9.51 -19.98
CA VAL D 167 -36.16 -10.40 -19.66
C VAL D 167 -37.39 -9.61 -19.25
N ILE D 168 -37.21 -8.38 -18.75
CA ILE D 168 -38.37 -7.66 -18.21
C ILE D 168 -38.99 -6.75 -19.26
N LEU D 169 -38.19 -6.15 -20.14
CA LEU D 169 -38.73 -5.13 -21.03
C LEU D 169 -39.59 -5.70 -22.16
N PRO D 170 -39.08 -6.62 -22.98
CA PRO D 170 -39.83 -6.98 -24.20
C PRO D 170 -41.23 -7.55 -23.96
N ILE D 171 -41.48 -8.10 -22.78
CA ILE D 171 -42.75 -8.79 -22.55
C ILE D 171 -43.70 -7.97 -21.69
N MET D 172 -43.19 -7.13 -20.79
CA MET D 172 -44.03 -6.48 -19.80
C MET D 172 -44.52 -5.11 -20.27
N ILE D 173 -43.77 -4.42 -21.14
CA ILE D 173 -44.09 -3.04 -21.52
C ILE D 173 -45.42 -2.96 -22.28
N TYR D 174 -46.04 -4.11 -22.52
CA TYR D 174 -47.37 -4.15 -23.13
C TYR D 174 -48.44 -3.55 -22.22
N ALA D 175 -48.13 -3.30 -20.96
CA ALA D 175 -49.11 -2.83 -19.99
C ALA D 175 -49.63 -1.45 -20.36
N GLY D 176 -50.91 -1.21 -20.06
CA GLY D 176 -51.53 0.07 -20.29
C GLY D 176 -52.79 0.19 -19.47
N LEU D 177 -53.24 1.43 -19.27
CA LEU D 177 -54.43 1.67 -18.46
C LEU D 177 -55.65 0.98 -19.06
N ARG D 178 -56.40 0.29 -18.21
CA ARG D 178 -57.57 -0.48 -18.63
C ARG D 178 -58.78 -0.02 -17.85
N SER D 179 -59.87 0.25 -18.56
CA SER D 179 -61.11 0.64 -17.90
C SER D 179 -61.66 -0.52 -17.08
N ASN D 180 -62.27 -0.17 -15.95
CA ASN D 180 -62.80 -1.14 -15.01
C ASN D 180 -64.28 -0.88 -14.77
N GLN D 181 -64.95 -1.87 -14.15
CA GLN D 181 -66.37 -1.74 -13.86
C GLN D 181 -66.65 -0.72 -12.77
N TRP D 182 -65.64 -0.36 -11.98
CA TRP D 182 -65.83 0.66 -10.95
C TRP D 182 -65.96 2.05 -11.54
N GLY D 183 -65.34 2.29 -12.70
CA GLY D 183 -65.40 3.57 -13.36
C GLY D 183 -64.18 4.46 -13.16
N ARG D 184 -63.23 4.05 -12.33
CA ARG D 184 -62.03 4.83 -12.04
C ARG D 184 -60.83 4.19 -12.73
N SER D 185 -60.03 5.02 -13.40
CA SER D 185 -58.85 4.52 -14.10
C SER D 185 -57.90 3.84 -13.11
N SER D 186 -57.42 2.66 -13.48
CA SER D 186 -56.58 1.85 -12.62
C SER D 186 -55.36 1.36 -13.39
N CYS D 187 -54.25 1.21 -12.67
CA CYS D 187 -53.00 0.74 -13.24
C CYS D 187 -52.99 -0.78 -13.24
N THR D 188 -53.03 -1.38 -14.43
CA THR D 188 -53.06 -2.82 -14.58
C THR D 188 -52.47 -3.16 -15.94
N ILE D 189 -51.87 -4.34 -16.05
CA ILE D 189 -51.29 -4.77 -17.31
C ILE D 189 -52.38 -4.92 -18.36
N ASN D 190 -52.18 -4.27 -19.50
CA ASN D 190 -53.15 -4.36 -20.60
C ASN D 190 -53.15 -5.77 -21.18
N TRP D 191 -54.34 -6.26 -21.52
CA TRP D 191 -54.48 -7.60 -22.07
C TRP D 191 -54.31 -7.55 -23.58
N PRO D 192 -53.37 -8.30 -24.16
CA PRO D 192 -53.27 -8.36 -25.62
C PRO D 192 -54.23 -9.38 -26.21
N GLY D 193 -54.14 -9.63 -27.51
CA GLY D 193 -55.02 -10.59 -28.14
C GLY D 193 -54.83 -11.99 -27.60
N GLU D 194 -55.87 -12.81 -27.76
CA GLU D 194 -55.97 -14.16 -27.20
C GLU D 194 -55.37 -14.24 -25.80
N SER D 195 -55.86 -13.34 -24.94
CA SER D 195 -55.29 -13.22 -23.59
C SER D 195 -55.54 -14.45 -22.73
N GLY D 196 -56.54 -15.26 -23.06
CA GLY D 196 -56.86 -16.41 -22.24
C GLY D 196 -55.70 -17.39 -22.11
N ALA D 197 -54.91 -17.53 -23.17
CA ALA D 197 -53.69 -18.32 -23.14
C ALA D 197 -52.44 -17.48 -22.92
N TRP D 198 -52.45 -16.23 -23.37
CA TRP D 198 -51.28 -15.36 -23.21
C TRP D 198 -50.99 -15.10 -21.74
N TYR D 199 -52.03 -14.85 -20.95
CA TYR D 199 -51.80 -14.56 -19.53
C TYR D 199 -51.27 -15.80 -18.81
N THR D 200 -51.79 -16.97 -19.15
CA THR D 200 -51.28 -18.21 -18.55
C THR D 200 -49.83 -18.44 -18.93
N GLY D 201 -49.49 -18.22 -20.21
CA GLY D 201 -48.09 -18.35 -20.61
C GLY D 201 -47.18 -17.38 -19.89
N PHE D 202 -47.62 -16.13 -19.77
CA PHE D 202 -46.82 -15.13 -19.05
C PHE D 202 -46.61 -15.52 -17.60
N ILE D 203 -47.67 -15.98 -16.93
CA ILE D 203 -47.56 -16.28 -15.51
C ILE D 203 -46.70 -17.52 -15.28
N ILE D 204 -46.83 -18.53 -16.15
CA ILE D 204 -45.98 -19.70 -15.96
C ILE D 204 -44.53 -19.38 -16.28
N TYR D 205 -44.28 -18.52 -17.27
CA TYR D 205 -42.92 -18.14 -17.62
C TYR D 205 -42.27 -17.37 -16.48
N THR D 206 -43.00 -16.42 -15.88
CA THR D 206 -42.44 -15.65 -14.77
C THR D 206 -42.33 -16.50 -13.51
N PHE D 207 -43.17 -17.53 -13.36
CA PHE D 207 -43.00 -18.45 -12.24
C PHE D 207 -41.75 -19.29 -12.42
N ILE D 208 -41.45 -19.72 -13.65
CA ILE D 208 -40.23 -20.47 -13.89
C ILE D 208 -39.00 -19.62 -13.63
N LEU D 209 -38.96 -18.41 -14.19
CA LEU D 209 -37.74 -17.62 -14.06
C LEU D 209 -37.58 -16.97 -12.69
N GLY D 210 -38.67 -16.55 -12.06
CA GLY D 210 -38.57 -15.82 -10.82
C GLY D 210 -38.40 -16.66 -9.58
N PHE D 211 -39.10 -17.80 -9.52
CA PHE D 211 -39.15 -18.56 -8.28
C PHE D 211 -38.46 -19.92 -8.42
N LEU D 212 -38.81 -20.68 -9.46
CA LEU D 212 -38.41 -22.08 -9.51
C LEU D 212 -36.89 -22.24 -9.65
N VAL D 213 -36.28 -21.50 -10.58
CA VAL D 213 -34.83 -21.65 -10.79
C VAL D 213 -34.01 -21.25 -9.58
N PRO D 214 -34.23 -20.08 -8.92
CA PRO D 214 -33.38 -19.73 -7.76
C PRO D 214 -33.41 -20.74 -6.63
N LEU D 215 -34.54 -21.39 -6.40
CA LEU D 215 -34.66 -22.31 -5.28
C LEU D 215 -33.69 -23.48 -5.42
N THR D 216 -33.62 -24.08 -6.60
CA THR D 216 -32.73 -25.21 -6.82
C THR D 216 -31.27 -24.79 -6.62
N ILE D 217 -30.88 -23.63 -7.16
CA ILE D 217 -29.51 -23.16 -7.01
C ILE D 217 -29.18 -22.95 -5.55
N ILE D 218 -30.04 -22.25 -4.82
CA ILE D 218 -29.76 -21.94 -3.41
C ILE D 218 -29.67 -23.23 -2.60
N CYS D 219 -30.63 -24.14 -2.79
CA CYS D 219 -30.63 -25.37 -2.02
C CYS D 219 -29.40 -26.21 -2.31
N LEU D 220 -29.04 -26.37 -3.58
CA LEU D 220 -27.86 -27.17 -3.91
C LEU D 220 -26.59 -26.55 -3.33
N CYS D 221 -26.42 -25.24 -3.51
CA CYS D 221 -25.20 -24.59 -3.01
C CYS D 221 -25.09 -24.73 -1.50
N TYR D 222 -26.19 -24.50 -0.79
CA TYR D 222 -26.11 -24.51 0.67
C TYR D 222 -25.94 -25.92 1.21
N LEU D 223 -26.59 -26.90 0.59
CA LEU D 223 -26.39 -28.29 0.98
C LEU D 223 -24.94 -28.73 0.75
N PHE D 224 -24.36 -28.33 -0.38
CA PHE D 224 -22.97 -28.69 -0.65
C PHE D 224 -22.02 -27.99 0.32
N ILE D 225 -22.36 -26.77 0.73
CA ILE D 225 -21.57 -26.09 1.76
C ILE D 225 -21.62 -26.86 3.07
N ILE D 226 -22.81 -27.34 3.45
CA ILE D 226 -22.94 -28.15 4.66
C ILE D 226 -22.08 -29.40 4.57
N ILE D 227 -22.13 -30.08 3.42
CA ILE D 227 -21.36 -31.31 3.25
C ILE D 227 -19.87 -31.04 3.32
N LYS D 228 -19.42 -29.94 2.71
CA LYS D 228 -18.00 -29.59 2.76
C LYS D 228 -17.56 -29.30 4.19
N VAL D 229 -18.37 -28.57 4.95
CA VAL D 229 -18.01 -28.28 6.34
C VAL D 229 -17.90 -29.57 7.14
N LYS D 230 -18.87 -30.48 6.96
CA LYS D 230 -18.84 -31.74 7.70
C LYS D 230 -17.62 -32.59 7.31
N SER D 231 -17.29 -32.63 6.02
CA SER D 231 -16.14 -33.40 5.57
C SER D 231 -14.83 -32.82 6.11
N SER D 232 -14.71 -31.49 6.11
CA SER D 232 -13.51 -30.87 6.66
C SER D 232 -13.39 -31.14 8.15
N GLY D 233 -14.52 -31.12 8.86
CA GLY D 233 -14.49 -31.44 10.28
C GLY D 233 -14.07 -32.87 10.55
N ILE D 234 -14.59 -33.82 9.77
CA ILE D 234 -14.29 -35.22 10.02
C ILE D 234 -12.87 -35.57 9.60
N ARG D 235 -12.35 -34.89 8.56
CA ARG D 235 -11.05 -35.26 8.02
C ARG D 235 -9.92 -35.06 9.02
N VAL D 236 -9.95 -33.97 9.78
CA VAL D 236 -8.95 -33.68 10.79
C VAL D 236 -9.64 -33.56 12.14
N GLY D 237 -9.08 -34.23 13.15
CA GLY D 237 -9.63 -34.20 14.49
C GLY D 237 -9.87 -32.80 15.02
N SER D 238 -11.16 -32.44 15.18
CA SER D 238 -11.55 -31.12 15.66
C SER D 238 -12.52 -31.30 16.82
N SER D 239 -12.24 -30.59 17.92
CA SER D 239 -13.12 -30.69 19.08
C SER D 239 -14.40 -29.88 18.89
N LYS D 240 -14.29 -28.72 18.26
CA LYS D 240 -15.41 -27.80 18.08
C LYS D 240 -16.13 -28.00 16.76
N ARG D 241 -15.90 -29.13 16.09
CA ARG D 241 -16.59 -29.40 14.82
C ARG D 241 -18.10 -29.47 15.01
N LYS D 242 -18.55 -29.97 16.17
CA LYS D 242 -19.98 -30.05 16.43
C LYS D 242 -20.58 -28.65 16.58
N LYS D 243 -19.85 -27.73 17.21
CA LYS D 243 -20.37 -26.39 17.43
C LYS D 243 -20.48 -25.62 16.13
N SER D 244 -19.47 -25.71 15.27
CA SER D 244 -19.48 -24.94 14.03
C SER D 244 -20.61 -25.37 13.09
N GLU D 245 -20.88 -26.68 13.03
CA GLU D 245 -21.90 -27.19 12.13
C GLU D 245 -23.29 -26.68 12.50
N LYS D 246 -23.53 -26.46 13.79
CA LYS D 246 -24.87 -26.12 14.25
C LYS D 246 -25.32 -24.76 13.72
N LYS D 247 -24.43 -23.76 13.75
CA LYS D 247 -24.83 -22.40 13.38
C LYS D 247 -25.11 -22.28 11.88
N VAL D 248 -24.29 -22.93 11.05
CA VAL D 248 -24.43 -22.79 9.60
C VAL D 248 -25.78 -23.34 9.14
N THR D 249 -26.18 -24.49 9.68
CA THR D 249 -27.47 -25.07 9.32
C THR D 249 -28.61 -24.15 9.74
N ARG D 250 -28.50 -23.56 10.93
CA ARG D 250 -29.54 -22.63 11.38
C ARG D 250 -29.64 -21.42 10.48
N MET D 251 -28.51 -20.86 10.06
CA MET D 251 -28.53 -19.71 9.16
C MET D 251 -29.14 -20.08 7.82
N VAL D 252 -28.78 -21.24 7.28
CA VAL D 252 -29.35 -21.71 6.03
C VAL D 252 -30.87 -21.84 6.15
N SER D 253 -31.32 -22.44 7.25
CA SER D 253 -32.76 -22.60 7.47
C SER D 253 -33.46 -21.25 7.55
N ILE D 254 -32.86 -20.28 8.27
CA ILE D 254 -33.49 -18.97 8.39
C ILE D 254 -33.63 -18.31 7.02
N VAL D 255 -32.55 -18.33 6.23
CA VAL D 255 -32.57 -17.67 4.93
C VAL D 255 -33.61 -18.30 4.02
N VAL D 256 -33.57 -19.63 3.90
CA VAL D 256 -34.50 -20.29 2.98
C VAL D 256 -35.94 -20.11 3.46
N ALA D 257 -36.17 -20.21 4.78
CA ALA D 257 -37.52 -20.07 5.31
C ALA D 257 -38.07 -18.68 5.05
N VAL D 258 -37.27 -17.63 5.30
CA VAL D 258 -37.78 -16.29 5.10
C VAL D 258 -38.04 -16.03 3.62
N PHE D 259 -37.15 -16.52 2.74
CA PHE D 259 -37.36 -16.34 1.31
C PHE D 259 -38.65 -17.02 0.85
N ILE D 260 -38.86 -18.26 1.28
CA ILE D 260 -40.07 -19.00 0.88
C ILE D 260 -41.31 -18.30 1.43
N PHE D 261 -41.28 -17.91 2.71
CA PHE D 261 -42.46 -17.31 3.33
C PHE D 261 -42.79 -15.97 2.70
N CYS D 262 -41.78 -15.25 2.19
CA CYS D 262 -42.05 -13.97 1.57
C CYS D 262 -42.52 -14.11 0.13
N TRP D 263 -42.00 -15.10 -0.61
CA TRP D 263 -42.22 -15.13 -2.06
C TRP D 263 -43.20 -16.20 -2.51
N LEU D 264 -43.68 -17.06 -1.62
CA LEU D 264 -44.53 -18.17 -2.04
C LEU D 264 -46.00 -17.78 -2.29
N PRO D 265 -46.65 -16.99 -1.42
CA PRO D 265 -48.10 -16.79 -1.59
C PRO D 265 -48.49 -16.16 -2.93
N PHE D 266 -47.66 -15.29 -3.49
CA PHE D 266 -48.06 -14.56 -4.69
C PHE D 266 -48.29 -15.49 -5.87
N TYR D 267 -47.32 -16.34 -6.17
CA TYR D 267 -47.43 -17.19 -7.36
C TYR D 267 -48.53 -18.24 -7.19
N ILE D 268 -48.68 -18.79 -5.98
CA ILE D 268 -49.76 -19.75 -5.76
C ILE D 268 -51.11 -19.07 -5.90
N PHE D 269 -51.21 -17.83 -5.43
CA PHE D 269 -52.45 -17.09 -5.57
C PHE D 269 -52.79 -16.96 -7.03
N ASN D 270 -51.80 -16.54 -7.82
CA ASN D 270 -52.04 -16.37 -9.25
C ASN D 270 -52.50 -17.66 -9.90
N VAL D 271 -51.74 -18.74 -9.70
CA VAL D 271 -52.09 -20.00 -10.36
C VAL D 271 -53.45 -20.50 -9.92
N SER D 272 -53.79 -20.32 -8.63
CA SER D 272 -55.10 -20.77 -8.16
C SER D 272 -56.22 -19.91 -8.73
N SER D 273 -56.01 -18.59 -8.82
CA SER D 273 -57.05 -17.73 -9.40
C SER D 273 -57.23 -18.01 -10.89
N VAL D 274 -56.15 -18.32 -11.60
CA VAL D 274 -56.27 -18.67 -13.01
C VAL D 274 -56.97 -20.02 -13.18
N SER D 275 -56.66 -20.98 -12.31
CA SER D 275 -57.21 -22.32 -12.45
C SER D 275 -58.72 -22.33 -12.32
N MET D 276 -59.25 -21.76 -11.25
CA MET D 276 -60.67 -21.69 -11.00
C MET D 276 -61.12 -20.23 -10.90
N ALA D 277 -62.14 -19.87 -11.68
CA ALA D 277 -62.66 -18.52 -11.67
C ALA D 277 -63.36 -18.23 -10.35
N ILE D 278 -63.11 -17.04 -9.81
CA ILE D 278 -63.70 -16.59 -8.55
C ILE D 278 -64.09 -15.12 -8.68
N SER D 279 -65.24 -14.76 -8.13
CA SER D 279 -65.74 -13.41 -8.26
C SER D 279 -64.91 -12.44 -7.43
N PRO D 280 -64.74 -11.20 -7.90
CA PRO D 280 -64.02 -10.20 -7.10
C PRO D 280 -64.86 -9.74 -5.91
N THR D 281 -64.27 -9.80 -4.73
CA THR D 281 -64.92 -9.45 -3.48
C THR D 281 -64.02 -8.55 -2.67
N PRO D 282 -64.58 -7.74 -1.76
CA PRO D 282 -63.72 -6.92 -0.90
C PRO D 282 -62.70 -7.71 -0.11
N ALA D 283 -63.08 -8.91 0.35
CA ALA D 283 -62.11 -9.78 1.01
C ALA D 283 -61.01 -10.19 0.05
N LEU D 284 -61.36 -10.45 -1.22
CA LEU D 284 -60.35 -10.79 -2.21
C LEU D 284 -59.37 -9.65 -2.41
N LYS D 285 -59.88 -8.41 -2.51
CA LYS D 285 -59.00 -7.27 -2.69
C LYS D 285 -58.10 -7.05 -1.48
N GLY D 286 -58.66 -7.20 -0.28
CA GLY D 286 -57.84 -7.05 0.91
C GLY D 286 -56.75 -8.10 1.02
N MET D 287 -57.10 -9.36 0.73
CA MET D 287 -56.11 -10.42 0.77
C MET D 287 -55.06 -10.24 -0.33
N PHE D 288 -55.47 -9.74 -1.50
CA PHE D 288 -54.51 -9.43 -2.56
C PHE D 288 -53.54 -8.35 -2.11
N ASP D 289 -54.04 -7.34 -1.42
CA ASP D 289 -53.16 -6.31 -0.90
C ASP D 289 -52.19 -6.94 0.07
N PHE D 290 -52.71 -7.77 0.97
CA PHE D 290 -51.85 -8.44 1.94
C PHE D 290 -50.75 -9.25 1.24
N VAL D 291 -51.11 -9.94 0.15
CA VAL D 291 -50.12 -10.69 -0.60
C VAL D 291 -49.05 -9.77 -1.18
N VAL D 292 -49.47 -8.63 -1.72
CA VAL D 292 -48.51 -7.68 -2.29
C VAL D 292 -47.56 -7.17 -1.22
N VAL D 293 -48.09 -6.76 -0.07
CA VAL D 293 -47.21 -6.22 0.98
C VAL D 293 -46.30 -7.32 1.53
N LEU D 294 -46.80 -8.54 1.62
CA LEU D 294 -45.97 -9.65 2.08
C LEU D 294 -44.83 -9.91 1.10
N THR D 295 -45.10 -9.82 -0.19
CA THR D 295 -44.05 -10.02 -1.19
C THR D 295 -43.03 -8.88 -1.17
N TYR D 296 -43.48 -7.67 -0.89
CA TYR D 296 -42.56 -6.55 -0.78
C TYR D 296 -41.76 -6.62 0.50
N ALA D 297 -42.24 -7.42 1.46
CA ALA D 297 -41.55 -7.52 2.75
C ALA D 297 -40.14 -8.08 2.62
N ASN D 298 -39.94 -9.02 1.70
CA ASN D 298 -38.63 -9.62 1.52
C ASN D 298 -37.55 -8.55 1.39
N SER D 299 -37.86 -7.47 0.70
CA SER D 299 -36.89 -6.39 0.52
C SER D 299 -36.34 -5.88 1.85
N CYS D 300 -37.19 -5.31 2.68
CA CYS D 300 -36.72 -4.75 3.94
C CYS D 300 -36.16 -5.84 4.85
N ALA D 301 -36.54 -7.09 4.62
CA ALA D 301 -35.97 -8.19 5.42
C ALA D 301 -34.52 -8.46 5.02
N ASN D 302 -34.17 -8.26 3.75
CA ASN D 302 -32.86 -8.64 3.25
C ASN D 302 -31.68 -7.98 3.96
N PRO D 303 -31.62 -6.65 4.13
CA PRO D 303 -30.43 -6.07 4.74
C PRO D 303 -30.36 -6.27 6.26
N ILE D 304 -31.50 -6.47 6.91
CA ILE D 304 -31.48 -6.81 8.33
C ILE D 304 -30.81 -8.16 8.55
N LEU D 305 -30.99 -9.08 7.62
CA LEU D 305 -30.46 -10.43 7.76
C LEU D 305 -29.03 -10.53 7.23
N TYR D 306 -28.83 -10.21 5.96
CA TYR D 306 -27.56 -10.50 5.30
C TYR D 306 -26.40 -9.70 5.89
N ALA D 307 -26.58 -8.38 6.02
CA ALA D 307 -25.46 -7.54 6.41
C ALA D 307 -25.26 -7.52 7.92
N PHE D 308 -26.35 -7.49 8.70
CA PHE D 308 -26.21 -7.27 10.13
C PHE D 308 -25.70 -8.51 10.85
N LEU D 309 -25.99 -9.69 10.33
CA LEU D 309 -25.57 -10.94 10.98
C LEU D 309 -24.22 -11.45 10.49
N SER D 310 -23.54 -10.71 9.63
CA SER D 310 -22.24 -11.08 9.11
C SER D 310 -21.14 -10.50 10.02
N ASP D 311 -19.89 -10.50 9.55
CA ASP D 311 -18.80 -9.88 10.29
C ASP D 311 -18.94 -8.37 10.37
N ASN D 312 -20.02 -7.80 9.85
CA ASN D 312 -20.32 -6.38 9.94
C ASN D 312 -20.83 -5.96 11.32
N PHE D 313 -21.13 -6.92 12.19
CA PHE D 313 -21.66 -6.59 13.51
C PHE D 313 -20.65 -5.76 14.31
N LYS D 314 -19.38 -6.17 14.29
CA LYS D 314 -18.35 -5.39 14.98
C LYS D 314 -18.12 -4.06 14.27
N LYS D 315 -18.30 -4.02 12.95
CA LYS D 315 -18.00 -2.82 12.19
C LYS D 315 -19.07 -1.74 12.41
N SER D 316 -20.33 -2.15 12.52
CA SER D 316 -21.42 -1.21 12.73
C SER D 316 -21.68 -0.99 14.21
N VAL E 2 24.67 0.83 -24.58
CA VAL E 2 23.50 1.17 -25.38
C VAL E 2 23.88 1.29 -26.85
N GLN E 3 23.01 0.75 -27.72
CA GLN E 3 23.26 0.79 -29.15
C GLN E 3 21.91 0.69 -29.86
N LEU E 4 21.85 1.30 -31.05
CA LEU E 4 20.59 1.40 -31.80
C LEU E 4 20.92 1.35 -33.28
N VAL E 5 20.59 0.24 -33.93
CA VAL E 5 20.96 -0.01 -35.32
C VAL E 5 19.69 -0.20 -36.13
N GLU E 6 19.59 0.53 -37.24
CA GLU E 6 18.43 0.49 -38.11
C GLU E 6 18.66 -0.42 -39.31
N SER E 7 17.58 -1.02 -39.80
CA SER E 7 17.65 -1.95 -40.91
C SER E 7 16.48 -1.69 -41.87
N GLY E 8 16.66 -2.09 -43.12
CA GLY E 8 15.61 -1.98 -44.11
C GLY E 8 15.76 -0.86 -45.10
N GLY E 9 16.95 -0.28 -45.24
CA GLY E 9 17.15 0.82 -46.16
C GLY E 9 17.19 0.40 -47.62
N GLY E 10 17.85 1.21 -48.45
CA GLY E 10 17.99 0.92 -49.85
C GLY E 10 17.34 1.97 -50.74
N LEU E 11 17.18 1.61 -52.02
CA LEU E 11 16.58 2.48 -53.00
C LEU E 11 15.22 1.92 -53.41
N VAL E 12 14.23 2.82 -53.52
CA VAL E 12 12.84 2.44 -53.77
C VAL E 12 12.29 3.28 -54.91
N GLN E 13 11.13 2.87 -55.39
CA GLN E 13 10.38 3.50 -56.47
C GLN E 13 9.06 4.05 -55.95
N PRO E 14 8.44 4.98 -56.67
CA PRO E 14 7.14 5.51 -56.21
C PRO E 14 6.09 4.42 -56.00
N GLY E 15 6.09 3.39 -56.84
CA GLY E 15 5.27 2.23 -56.60
C GLY E 15 6.00 1.16 -55.82
N GLY E 16 6.38 1.47 -54.60
CA GLY E 16 7.16 0.55 -53.79
C GLY E 16 6.80 0.66 -52.33
N SER E 17 7.15 -0.39 -51.57
CA SER E 17 6.85 -0.45 -50.15
C SER E 17 7.90 -1.31 -49.45
N ARG E 18 8.36 -0.87 -48.29
CA ARG E 18 9.27 -1.64 -47.47
C ARG E 18 8.89 -1.52 -46.00
N LYS E 19 9.55 -2.33 -45.18
CA LYS E 19 9.34 -2.37 -43.73
C LYS E 19 10.66 -2.11 -43.04
N LEU E 20 10.84 -0.89 -42.52
CA LEU E 20 12.05 -0.58 -41.78
C LEU E 20 12.11 -1.36 -40.48
N SER E 21 13.34 -1.61 -40.02
CA SER E 21 13.57 -2.33 -38.78
C SER E 21 14.53 -1.53 -37.91
N CYS E 22 14.43 -1.76 -36.60
CA CYS E 22 15.31 -1.13 -35.65
C CYS E 22 15.48 -2.04 -34.45
N SER E 23 16.72 -2.38 -34.13
CA SER E 23 17.04 -3.28 -33.03
C SER E 23 17.72 -2.51 -31.91
N ALA E 24 17.26 -2.72 -30.69
CA ALA E 24 17.77 -2.03 -29.51
C ALA E 24 18.39 -3.02 -28.56
N SER E 25 19.62 -2.73 -28.13
CA SER E 25 20.33 -3.58 -27.19
C SER E 25 21.06 -2.71 -26.18
N GLY E 26 21.17 -3.21 -24.96
CA GLY E 26 21.89 -2.52 -23.91
C GLY E 26 21.05 -1.68 -22.98
N PHE E 27 19.72 -1.73 -23.09
CA PHE E 27 18.86 -0.99 -22.19
C PHE E 27 17.46 -1.59 -22.23
N ALA E 28 16.66 -1.20 -21.25
CA ALA E 28 15.28 -1.68 -21.11
C ALA E 28 14.43 -1.05 -22.22
N PHE E 29 14.17 -1.83 -23.28
CA PHE E 29 13.48 -1.29 -24.44
C PHE E 29 12.02 -0.99 -24.15
N SER E 30 11.35 -1.85 -23.38
CA SER E 30 9.90 -1.79 -23.21
C SER E 30 9.46 -0.72 -22.21
N SER E 31 10.32 0.20 -21.81
CA SER E 31 9.95 1.29 -20.92
C SER E 31 10.46 2.61 -21.46
N PHE E 32 10.28 2.82 -22.77
CA PHE E 32 10.77 4.01 -23.45
C PHE E 32 9.82 4.36 -24.58
N GLY E 33 9.65 5.66 -24.83
CA GLY E 33 8.96 6.10 -26.01
C GLY E 33 9.89 6.20 -27.20
N MET E 34 9.35 5.90 -28.38
CA MET E 34 10.14 5.85 -29.60
C MET E 34 9.63 6.89 -30.59
N HIS E 35 10.54 7.42 -31.40
CA HIS E 35 10.20 8.43 -32.40
C HIS E 35 10.85 8.06 -33.73
N TRP E 36 10.36 8.71 -34.79
CA TRP E 36 11.01 8.72 -36.09
C TRP E 36 11.16 10.16 -36.54
N VAL E 37 12.33 10.50 -37.09
CA VAL E 37 12.63 11.87 -37.49
C VAL E 37 13.09 11.86 -38.95
N ARG E 38 12.38 12.60 -39.79
CA ARG E 38 12.77 12.79 -41.18
C ARG E 38 13.92 13.78 -41.26
N GLN E 39 14.81 13.59 -42.24
CA GLN E 39 15.90 14.54 -42.46
C GLN E 39 16.31 14.46 -43.93
N ALA E 40 15.83 15.41 -44.72
CA ALA E 40 16.11 15.42 -46.15
C ALA E 40 17.57 15.80 -46.42
N PRO E 41 18.13 15.36 -47.54
CA PRO E 41 19.51 15.72 -47.86
C PRO E 41 19.66 17.22 -48.06
N GLU E 42 20.66 17.79 -47.37
CA GLU E 42 20.95 19.24 -47.41
C GLU E 42 19.75 20.07 -46.97
N LYS E 43 18.90 19.51 -46.10
CA LYS E 43 17.77 20.23 -45.54
C LYS E 43 17.67 19.92 -44.05
N GLY E 44 16.67 20.50 -43.41
CA GLY E 44 16.50 20.35 -41.98
C GLY E 44 15.77 19.08 -41.58
N LEU E 45 15.61 18.92 -40.27
CA LEU E 45 14.95 17.75 -39.70
C LEU E 45 13.44 17.95 -39.68
N GLU E 46 12.71 16.84 -39.53
CA GLU E 46 11.26 16.87 -39.47
C GLU E 46 10.74 15.66 -38.72
N TRP E 47 9.88 15.90 -37.73
CA TRP E 47 9.28 14.83 -36.96
C TRP E 47 8.29 14.04 -37.82
N VAL E 48 8.20 12.74 -37.57
CA VAL E 48 7.34 11.87 -38.39
C VAL E 48 6.29 11.17 -37.54
N ALA E 49 6.72 10.35 -36.59
CA ALA E 49 5.79 9.50 -35.85
C ALA E 49 6.30 9.26 -34.44
N TYR E 50 5.41 8.78 -33.58
CA TYR E 50 5.75 8.51 -32.19
C TYR E 50 4.81 7.44 -31.65
N ILE E 51 5.38 6.42 -31.01
CA ILE E 51 4.61 5.39 -30.33
C ILE E 51 4.98 5.40 -28.86
N SER E 52 3.98 5.32 -27.99
CA SER E 52 4.17 5.42 -26.57
C SER E 52 4.73 4.12 -26.00
N SER E 53 4.94 4.11 -24.68
CA SER E 53 5.35 2.89 -23.99
C SER E 53 4.14 2.01 -23.74
N GLY E 54 4.26 0.73 -24.08
CA GLY E 54 3.14 -0.17 -23.99
C GLY E 54 2.12 -0.05 -25.10
N SER E 55 2.45 0.62 -26.19
CA SER E 55 1.57 0.78 -27.35
C SER E 55 0.26 1.47 -26.98
N GLY E 56 0.27 2.30 -25.94
CA GLY E 56 -0.94 2.96 -25.49
C GLY E 56 -1.34 4.18 -26.29
N THR E 57 -0.43 4.71 -27.10
CA THR E 57 -0.68 5.95 -27.83
C THR E 57 0.19 6.00 -29.07
N ILE E 58 -0.41 6.35 -30.20
CA ILE E 58 0.30 6.50 -31.47
C ILE E 58 -0.14 7.80 -32.12
N TYR E 59 0.83 8.64 -32.46
CA TYR E 59 0.60 9.89 -33.16
C TYR E 59 1.34 9.91 -34.49
N TYR E 60 0.82 10.69 -35.43
CA TYR E 60 1.39 10.81 -36.76
C TYR E 60 1.49 12.28 -37.13
N ALA E 61 2.15 12.55 -38.25
CA ALA E 61 2.23 13.87 -38.83
C ALA E 61 1.21 13.99 -39.96
N ASP E 62 0.58 15.16 -40.08
CA ASP E 62 -0.44 15.35 -41.09
C ASP E 62 0.10 15.20 -42.50
N THR E 63 1.40 15.42 -42.71
CA THR E 63 1.98 15.24 -44.03
C THR E 63 1.97 13.78 -44.47
N VAL E 64 2.01 12.85 -43.51
CA VAL E 64 2.06 11.42 -43.83
C VAL E 64 0.98 10.68 -43.05
N LYS E 65 -0.03 11.40 -42.60
CA LYS E 65 -1.13 10.76 -41.88
C LYS E 65 -1.90 9.82 -42.80
N GLY E 66 -2.25 8.65 -42.28
CA GLY E 66 -2.98 7.67 -43.07
C GLY E 66 -2.15 6.95 -44.09
N ARG E 67 -0.83 7.14 -44.10
CA ARG E 67 0.05 6.53 -45.07
C ARG E 67 1.14 5.65 -44.46
N PHE E 68 1.51 5.88 -43.21
CA PHE E 68 2.53 5.09 -42.53
C PHE E 68 1.92 4.41 -41.31
N THR E 69 2.47 3.25 -40.95
CA THR E 69 2.06 2.52 -39.76
C THR E 69 3.28 2.16 -38.95
N ILE E 70 3.24 2.47 -37.65
CA ILE E 70 4.35 2.23 -36.73
C ILE E 70 3.89 1.22 -35.67
N SER E 71 4.69 0.18 -35.46
CA SER E 71 4.36 -0.91 -34.55
C SER E 71 5.51 -1.11 -33.58
N ARG E 72 5.28 -2.00 -32.60
CA ARG E 72 6.26 -2.30 -31.57
C ARG E 72 6.27 -3.80 -31.31
N ASP E 73 7.47 -4.34 -31.10
CA ASP E 73 7.68 -5.76 -30.88
C ASP E 73 8.55 -5.90 -29.63
N ASP E 74 7.90 -6.04 -28.46
CA ASP E 74 8.63 -5.92 -27.21
C ASP E 74 9.48 -7.13 -26.87
N PRO E 75 8.97 -8.37 -26.85
CA PRO E 75 9.83 -9.50 -26.48
C PRO E 75 11.03 -9.67 -27.40
N LYS E 76 10.89 -9.36 -28.68
CA LYS E 76 11.99 -9.44 -29.63
C LYS E 76 12.72 -8.12 -29.82
N ASN E 77 12.32 -7.07 -29.10
CA ASN E 77 13.08 -5.81 -29.03
C ASN E 77 13.31 -5.19 -30.40
N THR E 78 12.29 -5.22 -31.25
CA THR E 78 12.38 -4.64 -32.58
C THR E 78 11.22 -3.68 -32.81
N LEU E 79 11.48 -2.68 -33.66
CA LEU E 79 10.47 -1.70 -34.04
C LEU E 79 10.39 -1.62 -35.56
N PHE E 80 9.19 -1.35 -36.06
CA PHE E 80 8.95 -1.36 -37.50
C PHE E 80 8.19 -0.11 -37.92
N LEU E 81 8.40 0.28 -39.17
CA LEU E 81 7.59 1.32 -39.82
C LEU E 81 7.27 0.83 -41.22
N GLN E 82 5.99 0.84 -41.57
CA GLN E 82 5.50 0.30 -42.83
C GLN E 82 4.99 1.44 -43.71
N MET E 83 5.33 1.40 -44.99
CA MET E 83 4.97 2.45 -45.92
C MET E 83 4.13 1.86 -47.06
N THR E 84 3.08 2.58 -47.45
CA THR E 84 2.20 2.09 -48.51
C THR E 84 2.53 2.75 -49.85
N SER E 85 2.45 4.08 -49.90
CA SER E 85 2.75 4.82 -51.11
C SER E 85 3.87 5.83 -50.82
N LEU E 86 4.79 5.97 -51.77
CA LEU E 86 5.96 6.83 -51.61
C LEU E 86 5.95 7.89 -52.69
N ARG E 87 5.93 9.16 -52.29
CA ARG E 87 6.00 10.27 -53.23
C ARG E 87 7.47 10.55 -53.55
N SER E 88 7.71 11.65 -54.26
CA SER E 88 9.09 12.05 -54.56
C SER E 88 9.75 12.67 -53.33
N GLU E 89 8.96 13.23 -52.42
CA GLU E 89 9.47 13.97 -51.27
C GLU E 89 9.73 13.07 -50.06
N ASP E 90 9.89 11.77 -50.29
CA ASP E 90 10.14 10.82 -49.21
C ASP E 90 11.61 10.43 -49.08
N THR E 91 12.49 11.01 -49.89
CA THR E 91 13.92 10.77 -49.72
C THR E 91 14.44 11.55 -48.51
N ALA E 92 15.10 10.83 -47.60
CA ALA E 92 15.59 11.45 -46.38
C ALA E 92 16.57 10.51 -45.69
N MET E 93 17.00 10.91 -44.49
CA MET E 93 17.96 10.18 -43.67
C MET E 93 17.23 9.80 -42.38
N TYR E 94 16.59 8.64 -42.37
CA TYR E 94 15.70 8.24 -41.29
C TYR E 94 16.48 7.90 -40.03
N TYR E 95 15.93 8.28 -38.87
CA TYR E 95 16.55 8.06 -37.57
C TYR E 95 15.50 7.54 -36.58
N CYS E 96 15.97 6.80 -35.58
CA CYS E 96 15.14 6.35 -34.48
C CYS E 96 15.61 7.01 -33.19
N VAL E 97 14.67 7.55 -32.42
CA VAL E 97 14.99 8.36 -31.24
C VAL E 97 14.39 7.70 -30.01
N ARG E 98 15.09 7.82 -28.89
CA ARG E 98 14.73 7.18 -27.63
C ARG E 98 14.38 8.27 -26.61
N SER E 99 13.22 8.12 -25.96
CA SER E 99 12.75 9.12 -25.02
C SER E 99 11.92 8.48 -23.92
N ILE E 100 12.05 9.01 -22.70
CA ILE E 100 11.31 8.53 -21.54
C ILE E 100 10.81 9.74 -20.77
N TYR E 101 9.58 9.66 -20.26
CA TYR E 101 8.91 10.79 -19.64
C TYR E 101 8.54 10.47 -18.20
N TYR E 102 9.13 11.21 -17.26
CA TYR E 102 8.67 11.28 -15.89
C TYR E 102 9.22 12.57 -15.30
N TYR E 103 8.95 12.79 -14.02
CA TYR E 103 9.39 14.04 -13.39
C TYR E 103 10.90 14.14 -13.34
N GLY E 104 11.47 15.06 -14.10
CA GLY E 104 12.90 15.30 -14.10
C GLY E 104 13.70 14.51 -15.11
N SER E 105 13.05 13.79 -16.01
CA SER E 105 13.77 12.97 -16.99
C SER E 105 14.29 13.85 -18.13
N SER E 106 15.03 13.24 -19.04
CA SER E 106 15.62 13.93 -20.19
C SER E 106 15.30 13.14 -21.46
N PRO E 107 14.23 13.50 -22.16
CA PRO E 107 13.89 12.79 -23.40
C PRO E 107 14.81 13.18 -24.54
N PHE E 108 14.76 12.38 -25.60
CA PHE E 108 15.58 12.57 -26.80
C PHE E 108 17.07 12.50 -26.49
N ASP E 109 17.45 11.70 -25.50
CA ASP E 109 18.84 11.67 -25.07
C ASP E 109 19.74 10.93 -26.05
N PHE E 110 19.28 9.79 -26.56
CA PHE E 110 20.06 8.96 -27.46
C PHE E 110 19.37 8.91 -28.82
N TRP E 111 20.09 9.30 -29.88
CA TRP E 111 19.50 9.45 -31.19
C TRP E 111 19.73 8.27 -32.12
N GLY E 112 20.50 7.27 -31.70
CA GLY E 112 20.71 6.11 -32.54
C GLY E 112 21.59 6.40 -33.75
N GLN E 113 22.14 5.34 -34.36
CA GLN E 113 23.05 5.53 -35.48
C GLN E 113 22.29 5.93 -36.74
N GLY E 114 21.13 5.32 -36.98
CA GLY E 114 20.33 5.66 -38.13
C GLY E 114 20.73 4.89 -39.38
N THR E 115 19.99 5.16 -40.46
CA THR E 115 20.21 4.51 -41.75
C THR E 115 19.68 5.43 -42.84
N THR E 116 19.98 5.06 -44.09
CA THR E 116 19.66 5.86 -45.25
C THR E 116 18.64 5.13 -46.14
N LEU E 117 17.87 5.91 -46.89
CA LEU E 117 16.90 5.38 -47.83
C LEU E 117 16.57 6.46 -48.84
N THR E 118 16.89 6.21 -50.11
CA THR E 118 16.66 7.16 -51.18
C THR E 118 15.45 6.73 -52.01
N VAL E 119 14.55 7.68 -52.25
CA VAL E 119 13.35 7.44 -53.06
C VAL E 119 13.59 8.07 -54.42
N SER E 120 13.40 7.28 -55.48
CA SER E 120 13.56 7.79 -56.84
C SER E 120 12.50 8.84 -57.13
N SER E 121 12.91 9.89 -57.84
CA SER E 121 12.00 10.98 -58.18
C SER E 121 11.12 10.61 -59.36
N SER E 136 -3.10 25.96 -34.20
CA SER E 136 -2.32 25.78 -35.42
C SER E 136 -0.88 25.39 -35.10
N ASP E 137 -0.16 24.93 -36.12
CA ASP E 137 1.21 24.49 -35.93
C ASP E 137 2.13 25.67 -35.60
N ILE E 138 3.15 25.40 -34.81
CA ILE E 138 4.17 26.40 -34.49
C ILE E 138 5.07 26.59 -35.69
N VAL E 139 5.54 27.82 -35.88
CA VAL E 139 6.34 28.17 -37.06
C VAL E 139 7.79 27.76 -36.83
N MET E 140 8.48 27.49 -37.94
CA MET E 140 9.89 27.09 -37.94
C MET E 140 10.69 28.26 -38.51
N THR E 141 11.40 28.98 -37.65
CA THR E 141 12.14 30.16 -38.10
C THR E 141 13.38 30.38 -37.25
N GLN E 142 14.47 30.75 -37.93
CA GLN E 142 15.68 31.22 -37.29
C GLN E 142 16.25 32.36 -38.13
N ALA E 143 16.97 33.27 -37.47
CA ALA E 143 17.48 34.46 -38.17
C ALA E 143 18.71 34.12 -39.00
N THR E 144 19.77 33.65 -38.35
CA THR E 144 21.04 33.43 -39.04
C THR E 144 21.03 32.08 -39.76
N SER E 145 21.78 32.00 -40.85
CA SER E 145 21.97 30.76 -41.59
C SER E 145 23.40 30.24 -41.55
N SER E 146 24.41 31.11 -41.45
CA SER E 146 25.79 30.70 -41.37
C SER E 146 26.57 31.74 -40.59
N VAL E 147 27.65 31.29 -39.93
CA VAL E 147 28.49 32.18 -39.12
C VAL E 147 29.95 31.81 -39.31
N PRO E 148 30.78 32.71 -39.86
CA PRO E 148 32.23 32.48 -39.87
C PRO E 148 32.83 32.73 -38.49
N VAL E 149 33.40 31.70 -37.87
CA VAL E 149 33.88 31.79 -36.49
C VAL E 149 35.31 31.27 -36.41
N THR E 150 36.05 31.80 -35.44
CA THR E 150 37.41 31.40 -35.16
C THR E 150 37.51 30.95 -33.70
N PRO E 151 38.14 29.81 -33.42
CA PRO E 151 38.17 29.31 -32.05
C PRO E 151 38.84 30.29 -31.09
N GLY E 152 38.32 30.33 -29.86
CA GLY E 152 38.85 31.18 -28.83
C GLY E 152 37.94 32.31 -28.37
N GLU E 153 36.66 32.27 -28.70
CA GLU E 153 35.74 33.35 -28.35
C GLU E 153 34.37 32.74 -28.09
N SER E 154 33.34 33.58 -28.05
CA SER E 154 31.99 33.16 -27.74
C SER E 154 31.12 33.20 -28.99
N VAL E 155 30.09 32.35 -29.01
CA VAL E 155 29.11 32.29 -30.09
C VAL E 155 27.72 32.31 -29.45
N SER E 156 26.83 33.15 -29.97
CA SER E 156 25.46 33.23 -29.51
C SER E 156 24.52 32.90 -30.66
N ILE E 157 23.62 31.95 -30.45
CA ILE E 157 22.68 31.49 -31.46
C ILE E 157 21.26 31.74 -30.95
N SER E 158 20.40 32.25 -31.83
CA SER E 158 19.05 32.64 -31.46
C SER E 158 18.02 31.81 -32.21
N CYS E 159 16.86 31.63 -31.58
CA CYS E 159 15.74 30.91 -32.16
C CYS E 159 14.46 31.52 -31.61
N ARG E 160 13.44 31.60 -32.46
CA ARG E 160 12.19 32.26 -32.08
C ARG E 160 11.00 31.44 -32.56
N SER E 161 9.87 31.64 -31.89
CA SER E 161 8.62 30.94 -32.18
C SER E 161 7.49 31.96 -32.29
N SER E 162 6.28 31.45 -32.57
CA SER E 162 5.11 32.30 -32.73
C SER E 162 4.22 32.31 -31.49
N LYS E 163 4.44 31.42 -30.54
CA LYS E 163 3.62 31.33 -29.33
C LYS E 163 4.53 31.14 -28.13
N SER E 164 4.05 31.59 -26.96
CA SER E 164 4.81 31.41 -25.74
C SER E 164 4.78 29.94 -25.31
N LEU E 165 5.95 29.38 -25.03
CA LEU E 165 6.10 27.98 -24.68
C LEU E 165 5.94 27.73 -23.19
N LEU E 166 5.62 28.76 -22.41
CA LEU E 166 5.60 28.68 -20.95
C LEU E 166 4.22 28.30 -20.44
N HIS E 167 4.16 27.35 -19.51
CA HIS E 167 2.95 26.98 -18.80
C HIS E 167 2.87 27.65 -17.44
N SER E 168 1.68 27.60 -16.85
CA SER E 168 1.50 28.14 -15.51
C SER E 168 2.31 27.39 -14.46
N ASN E 169 2.60 26.10 -14.72
CA ASN E 169 3.41 25.34 -13.77
C ASN E 169 4.84 25.84 -13.72
N GLY E 170 5.36 26.33 -14.84
CA GLY E 170 6.68 26.93 -14.87
C GLY E 170 7.71 26.26 -15.75
N ASN E 171 7.30 25.43 -16.71
CA ASN E 171 8.22 24.72 -17.58
C ASN E 171 8.17 25.30 -18.98
N THR E 172 9.35 25.55 -19.55
CA THR E 172 9.48 26.00 -20.94
C THR E 172 10.12 24.86 -21.73
N TYR E 173 9.45 24.43 -22.80
CA TYR E 173 9.85 23.25 -23.55
C TYR E 173 10.62 23.66 -24.80
N LEU E 174 11.91 23.93 -24.62
CA LEU E 174 12.82 24.25 -25.71
C LEU E 174 14.04 23.34 -25.62
N TYR E 175 14.33 22.65 -26.71
CA TYR E 175 15.43 21.67 -26.75
C TYR E 175 16.47 22.12 -27.76
N TRP E 176 17.72 22.16 -27.32
CA TRP E 176 18.87 22.49 -28.17
C TRP E 176 19.70 21.24 -28.38
N PHE E 177 20.13 21.00 -29.63
CA PHE E 177 21.05 19.91 -29.88
C PHE E 177 21.78 20.14 -31.20
N LEU E 178 22.92 19.45 -31.33
CA LEU E 178 23.90 19.68 -32.37
C LEU E 178 24.05 18.45 -33.24
N GLN E 179 24.34 18.67 -34.52
CA GLN E 179 24.68 17.62 -35.46
C GLN E 179 26.07 17.88 -36.05
N ARG E 180 26.95 16.88 -35.97
CA ARG E 180 28.27 16.98 -36.54
C ARG E 180 28.36 16.14 -37.80
N PRO E 181 29.14 16.58 -38.79
CA PRO E 181 29.18 15.85 -40.08
C PRO E 181 29.68 14.43 -39.90
N GLY E 182 29.03 13.51 -40.61
CA GLY E 182 29.40 12.11 -40.56
C GLY E 182 28.89 11.31 -39.38
N GLN E 183 28.03 11.89 -38.55
CA GLN E 183 27.50 11.16 -37.41
C GLN E 183 26.15 11.75 -37.00
N SER E 184 25.43 10.99 -36.18
CA SER E 184 24.09 11.36 -35.80
C SER E 184 24.09 12.53 -34.82
N PRO E 185 23.00 13.30 -34.78
CA PRO E 185 22.91 14.38 -33.79
C PRO E 185 22.82 13.84 -32.37
N GLN E 186 23.16 14.71 -31.41
CA GLN E 186 23.10 14.35 -30.00
C GLN E 186 22.58 15.53 -29.20
N LEU E 187 21.89 15.22 -28.10
CA LEU E 187 21.22 16.23 -27.31
C LEU E 187 22.23 17.13 -26.58
N LEU E 188 21.93 18.42 -26.54
CA LEU E 188 22.76 19.40 -25.86
C LEU E 188 22.08 19.98 -24.62
N ILE E 189 20.88 20.54 -24.77
CA ILE E 189 20.17 21.16 -23.67
C ILE E 189 18.69 20.80 -23.79
N TYR E 190 18.07 20.44 -22.67
CA TYR E 190 16.67 20.09 -22.61
C TYR E 190 15.94 21.02 -21.65
N ARG E 191 14.76 21.51 -22.07
CA ARG E 191 13.94 22.43 -21.29
C ARG E 191 14.69 23.75 -21.02
N MET E 192 15.59 24.10 -21.95
CA MET E 192 16.35 25.34 -22.00
C MET E 192 16.88 25.83 -20.67
N SER E 193 17.17 24.91 -19.74
CA SER E 193 17.78 25.33 -18.48
C SER E 193 18.86 24.35 -18.02
N ASN E 194 18.88 23.14 -18.59
CA ASN E 194 19.63 22.04 -18.03
C ASN E 194 20.58 21.47 -19.07
N LEU E 195 21.81 21.15 -18.65
CA LEU E 195 22.77 20.48 -19.52
C LEU E 195 22.55 18.98 -19.47
N ALA E 196 22.76 18.33 -20.61
CA ALA E 196 22.59 16.89 -20.68
C ALA E 196 23.79 16.17 -20.06
N SER E 197 23.61 14.87 -19.82
CA SER E 197 24.66 14.08 -19.18
C SER E 197 25.84 13.89 -20.11
N GLY E 198 27.04 14.17 -19.61
CA GLY E 198 28.25 14.05 -20.41
C GLY E 198 28.55 15.21 -21.32
N VAL E 199 27.75 16.26 -21.29
CA VAL E 199 27.96 17.43 -22.13
C VAL E 199 28.89 18.39 -21.41
N PRO E 200 29.91 18.95 -22.09
CA PRO E 200 30.82 19.88 -21.41
C PRO E 200 30.09 21.10 -20.87
N ASP E 201 30.63 21.66 -19.79
CA ASP E 201 30.03 22.82 -19.16
C ASP E 201 30.21 24.10 -19.97
N ARG E 202 30.99 24.06 -21.04
CA ARG E 202 31.18 25.25 -21.87
C ARG E 202 29.87 25.77 -22.42
N PHE E 203 28.92 24.89 -22.72
CA PHE E 203 27.64 25.30 -23.27
C PHE E 203 26.70 25.78 -22.17
N SER E 204 25.84 26.72 -22.51
CA SER E 204 24.80 27.20 -21.61
C SER E 204 23.65 27.72 -22.43
N GLY E 205 22.46 27.72 -21.83
CA GLY E 205 21.26 28.17 -22.50
C GLY E 205 20.42 29.03 -21.58
N SER E 206 19.63 29.90 -22.19
CA SER E 206 18.77 30.80 -21.44
C SER E 206 17.69 31.34 -22.38
N GLY E 207 16.73 32.04 -21.79
CA GLY E 207 15.67 32.65 -22.56
C GLY E 207 14.64 33.27 -21.64
N SER E 208 13.62 33.85 -22.27
CA SER E 208 12.50 34.43 -21.55
C SER E 208 11.33 34.55 -22.51
N GLY E 209 10.25 33.82 -22.23
CA GLY E 209 9.09 33.85 -23.10
C GLY E 209 9.38 33.31 -24.48
N THR E 210 9.42 34.20 -25.48
CA THR E 210 9.67 33.81 -26.86
C THR E 210 11.13 33.95 -27.27
N ALA E 211 11.88 34.86 -26.65
CA ALA E 211 13.28 35.05 -26.99
C ALA E 211 14.13 33.96 -26.35
N PHE E 212 15.03 33.37 -27.15
CA PHE E 212 15.93 32.32 -26.66
C PHE E 212 17.33 32.60 -27.18
N THR E 213 18.32 32.08 -26.45
CA THR E 213 19.71 32.21 -26.86
C THR E 213 20.50 31.01 -26.35
N LEU E 214 21.62 30.74 -27.01
CA LEU E 214 22.53 29.67 -26.64
C LEU E 214 23.95 30.18 -26.76
N THR E 215 24.68 30.20 -25.65
CA THR E 215 26.03 30.75 -25.60
C THR E 215 27.05 29.66 -25.36
N ILE E 216 28.16 29.73 -26.08
CA ILE E 216 29.30 28.84 -25.90
C ILE E 216 30.45 29.69 -25.38
N SER E 217 30.89 29.42 -24.15
CA SER E 217 31.90 30.25 -23.52
C SER E 217 33.24 30.13 -24.22
N ARG E 218 33.70 28.90 -24.45
CA ARG E 218 34.98 28.65 -25.13
C ARG E 218 34.73 27.77 -26.33
N LEU E 219 35.32 28.14 -27.46
CA LEU E 219 35.16 27.42 -28.71
C LEU E 219 36.45 26.69 -29.08
N GLU E 220 36.31 25.44 -29.50
CA GLU E 220 37.44 24.65 -29.96
C GLU E 220 37.03 23.87 -31.20
N ALA E 221 38.00 23.15 -31.77
CA ALA E 221 37.85 22.54 -33.09
C ALA E 221 36.79 21.44 -33.14
N GLU E 222 36.32 20.94 -31.99
CA GLU E 222 35.32 19.89 -31.97
C GLU E 222 33.90 20.43 -31.90
N ASP E 223 33.71 21.74 -31.82
CA ASP E 223 32.40 22.35 -31.66
C ASP E 223 31.91 23.00 -32.96
N VAL E 224 32.18 22.38 -34.10
CA VAL E 224 31.73 22.88 -35.40
C VAL E 224 30.63 21.96 -35.91
N GLY E 225 29.55 22.56 -36.41
CA GLY E 225 28.43 21.78 -36.91
C GLY E 225 27.21 22.65 -37.11
N VAL E 226 26.06 21.99 -37.14
CA VAL E 226 24.77 22.65 -37.35
C VAL E 226 23.94 22.52 -36.09
N TYR E 227 23.27 23.60 -35.71
CA TYR E 227 22.47 23.67 -34.50
C TYR E 227 20.99 23.72 -34.84
N TYR E 228 20.17 23.14 -33.97
CA TYR E 228 18.72 23.09 -34.16
C TYR E 228 18.01 23.44 -32.87
N CYS E 229 16.81 23.99 -33.00
CA CYS E 229 15.94 24.27 -31.87
C CYS E 229 14.61 23.59 -32.09
N MET E 230 14.08 22.98 -31.03
CA MET E 230 12.82 22.25 -31.09
C MET E 230 11.94 22.63 -29.90
N GLN E 231 10.64 22.64 -30.14
CA GLN E 231 9.66 22.85 -29.09
C GLN E 231 8.88 21.56 -28.83
N HIS E 232 8.55 21.32 -27.57
CA HIS E 232 7.77 20.15 -27.18
C HIS E 232 6.45 20.57 -26.54
N LEU E 233 5.96 21.76 -26.89
CA LEU E 233 4.73 22.29 -26.30
C LEU E 233 3.51 21.49 -26.74
N GLU E 234 3.42 21.17 -28.03
CA GLU E 234 2.29 20.41 -28.57
C GLU E 234 2.86 19.23 -29.35
N TYR E 235 2.05 18.20 -29.51
CA TYR E 235 2.50 16.94 -30.13
C TYR E 235 2.88 17.06 -31.59
N PRO E 236 2.29 17.97 -32.39
CA PRO E 236 2.85 18.21 -33.73
C PRO E 236 4.22 18.88 -33.63
N LEU E 237 5.23 18.09 -33.30
CA LEU E 237 6.58 18.59 -33.04
C LEU E 237 7.19 19.24 -34.27
N THR E 238 7.60 20.51 -34.13
CA THR E 238 8.22 21.25 -35.21
C THR E 238 9.67 21.54 -34.85
N PHE E 239 10.58 21.23 -35.76
CA PHE E 239 12.00 21.47 -35.56
C PHE E 239 12.31 22.93 -35.88
N GLY E 240 13.61 23.25 -36.05
CA GLY E 240 14.02 24.60 -36.38
C GLY E 240 14.99 24.59 -37.55
N ALA E 241 15.30 25.81 -38.00
CA ALA E 241 16.30 25.95 -39.04
C ALA E 241 17.68 25.63 -38.49
N GLY E 242 18.65 25.52 -39.40
CA GLY E 242 20.02 25.22 -39.02
C GLY E 242 20.87 26.47 -38.99
N THR E 243 21.77 26.52 -38.01
CA THR E 243 22.76 27.60 -37.88
C THR E 243 24.13 26.95 -38.06
N LYS E 244 24.56 26.84 -39.31
CA LYS E 244 25.81 26.15 -39.63
C LYS E 244 27.00 27.03 -39.26
N LEU E 245 27.94 26.46 -38.52
CA LEU E 245 29.17 27.14 -38.13
C LEU E 245 30.33 26.56 -38.92
N GLU E 246 31.07 27.43 -39.60
CA GLU E 246 32.18 27.02 -40.44
C GLU E 246 33.48 27.47 -39.80
N LEU E 247 34.47 26.57 -39.76
CA LEU E 247 35.77 26.88 -39.18
C LEU E 247 36.55 27.85 -40.07
C10 IUD F . -48.83 -7.23 -10.97
C13 IUD F . -50.99 -7.29 -12.77
C17 IUD F . -50.92 -4.31 -9.78
C20 IUD F . -50.52 -0.97 -7.97
C21 IUD F . -50.93 -1.31 -6.68
C22 IUD F . -51.34 -2.61 -6.41
C26 IUD F . -47.74 -9.25 -12.08
C28 IUD F . -47.04 -11.56 -12.16
C01 IUD F . -46.25 -5.31 -9.44
C02 IUD F . -47.43 -4.37 -9.15
C04 IUD F . -48.44 -6.18 -7.73
C05 IUD F . -47.16 -7.01 -7.97
C06 IUD F . -46.00 -6.22 -8.32
C08 IUD F . -49.86 -5.24 -9.83
C09 IUD F . -49.88 -6.26 -10.86
C11 IUD F . -48.88 -8.21 -11.98
C12 IUD F . -49.97 -8.24 -12.88
C14 IUD F . -50.93 -6.29 -11.74
C16 IUD F . -51.97 -4.40 -10.72
C18 IUD F . -50.91 -3.23 -8.70
C19 IUD F . -50.51 -1.94 -8.98
C23 IUD F . -51.33 -3.56 -7.41
C27 IUD F . -48.06 -10.60 -12.09
C29 IUD F . -45.72 -11.15 -12.24
C30 IUD F . -45.40 -9.81 -12.23
C31 IUD F . -46.41 -8.85 -12.15
C33 IUD F . -43.95 -9.37 -12.31
F24 IUD F . -51.75 -2.93 -5.15
F25 IUD F . -50.12 0.31 -8.24
N03 IUD F . -48.71 -5.15 -8.82
N07 IUD F . -45.59 -5.43 -7.16
N15 IUD F . -51.96 -5.37 -11.65
N34 IUD F . -42.86 -9.04 -12.37
O32 IUD F . -46.08 -7.50 -12.14
#